data_4MML
# 
_entry.id   4MML 
# 
_audit_conform.dict_name       mmcif_pdbx.dic 
_audit_conform.dict_version    5.397 
_audit_conform.dict_location   http://mmcif.pdb.org/dictionaries/ascii/mmcif_pdbx.dic 
# 
loop_
_database_2.database_id 
_database_2.database_code 
_database_2.pdbx_database_accession 
_database_2.pdbx_DOI 
PDB   4MML         pdb_00004mml 10.2210/pdb4mml/pdb 
RCSB  RCSB082099   ?            ?                   
WWPDB D_1000082099 ?            ?                   
# 
loop_
_pdbx_audit_revision_history.ordinal 
_pdbx_audit_revision_history.data_content_type 
_pdbx_audit_revision_history.major_revision 
_pdbx_audit_revision_history.minor_revision 
_pdbx_audit_revision_history.revision_date 
1 'Structure model' 1 0 2014-07-09 
2 'Structure model' 1 1 2023-09-20 
3 'Structure model' 2 0 2024-10-16 
# 
_pdbx_audit_revision_details.ordinal             1 
_pdbx_audit_revision_details.revision_ordinal    1 
_pdbx_audit_revision_details.data_content_type   'Structure model' 
_pdbx_audit_revision_details.provider            repository 
_pdbx_audit_revision_details.type                'Initial release' 
_pdbx_audit_revision_details.description         ? 
_pdbx_audit_revision_details.details             ? 
# 
loop_
_pdbx_audit_revision_group.ordinal 
_pdbx_audit_revision_group.revision_ordinal 
_pdbx_audit_revision_group.data_content_type 
_pdbx_audit_revision_group.group 
1  2 'Structure model' 'Data collection'         
2  2 'Structure model' 'Database references'     
3  2 'Structure model' 'Derived calculations'    
4  2 'Structure model' 'Refinement description'  
5  3 'Structure model' Advisory                  
6  3 'Structure model' 'Atomic model'            
7  3 'Structure model' 'Data collection'         
8  3 'Structure model' 'Derived calculations'    
9  3 'Structure model' 'Non-polymer description' 
10 3 'Structure model' 'Structure summary'       
# 
loop_
_pdbx_audit_revision_category.ordinal 
_pdbx_audit_revision_category.revision_ordinal 
_pdbx_audit_revision_category.data_content_type 
_pdbx_audit_revision_category.category 
1  2 'Structure model' chem_comp_atom                
2  2 'Structure model' chem_comp_bond                
3  2 'Structure model' database_2                    
4  2 'Structure model' pdbx_initial_refinement_model 
5  2 'Structure model' struct_ref_seq_dif            
6  2 'Structure model' struct_site                   
7  3 'Structure model' atom_site                     
8  3 'Structure model' chem_comp                     
9  3 'Structure model' chem_comp_atom                
10 3 'Structure model' chem_comp_bond                
11 3 'Structure model' pdbx_distant_solvent_atoms    
12 3 'Structure model' pdbx_entity_nonpoly           
13 3 'Structure model' pdbx_entry_details            
14 3 'Structure model' pdbx_nonpoly_scheme           
15 3 'Structure model' pdbx_unobs_or_zero_occ_atoms  
16 3 'Structure model' struct_site                   
# 
loop_
_pdbx_audit_revision_item.ordinal 
_pdbx_audit_revision_item.revision_ordinal 
_pdbx_audit_revision_item.data_content_type 
_pdbx_audit_revision_item.item 
1  2 'Structure model' '_database_2.pdbx_DOI'                        
2  2 'Structure model' '_database_2.pdbx_database_accession'         
3  2 'Structure model' '_struct_ref_seq_dif.details'                 
4  2 'Structure model' '_struct_site.pdbx_auth_asym_id'              
5  2 'Structure model' '_struct_site.pdbx_auth_comp_id'              
6  2 'Structure model' '_struct_site.pdbx_auth_seq_id'               
7  3 'Structure model' '_atom_site.B_iso_or_equiv'                   
8  3 'Structure model' '_atom_site.Cartn_x'                          
9  3 'Structure model' '_atom_site.Cartn_y'                          
10 3 'Structure model' '_atom_site.Cartn_z'                          
11 3 'Structure model' '_atom_site.auth_atom_id'                     
12 3 'Structure model' '_atom_site.auth_comp_id'                     
13 3 'Structure model' '_atom_site.label_atom_id'                    
14 3 'Structure model' '_atom_site.label_comp_id'                    
15 3 'Structure model' '_atom_site.type_symbol'                      
16 3 'Structure model' '_chem_comp.id'                               
17 3 'Structure model' '_chem_comp.mon_nstd_flag'                    
18 3 'Structure model' '_chem_comp.type'                             
19 3 'Structure model' '_chem_comp_atom.atom_id'                     
20 3 'Structure model' '_chem_comp_atom.comp_id'                     
21 3 'Structure model' '_chem_comp_atom.pdbx_stereo_config'          
22 3 'Structure model' '_chem_comp_atom.type_symbol'                 
23 3 'Structure model' '_chem_comp_bond.atom_id_1'                   
24 3 'Structure model' '_chem_comp_bond.atom_id_2'                   
25 3 'Structure model' '_chem_comp_bond.comp_id'                     
26 3 'Structure model' '_chem_comp_bond.value_order'                 
27 3 'Structure model' '_pdbx_entity_nonpoly.comp_id'                
28 3 'Structure model' '_pdbx_nonpoly_scheme.mon_id'                 
29 3 'Structure model' '_pdbx_nonpoly_scheme.pdb_mon_id'             
30 3 'Structure model' '_pdbx_unobs_or_zero_occ_atoms.auth_atom_id'  
31 3 'Structure model' '_pdbx_unobs_or_zero_occ_atoms.auth_comp_id'  
32 3 'Structure model' '_pdbx_unobs_or_zero_occ_atoms.label_atom_id' 
33 3 'Structure model' '_pdbx_unobs_or_zero_occ_atoms.label_comp_id' 
34 3 'Structure model' '_struct_site.details'                        
35 3 'Structure model' '_struct_site.pdbx_auth_comp_id'              
# 
_pdbx_database_status.status_code                     REL 
_pdbx_database_status.entry_id                        4MML 
_pdbx_database_status.recvd_initial_deposition_date   2013-09-09 
_pdbx_database_status.deposit_site                    RCSB 
_pdbx_database_status.process_site                    RCSB 
_pdbx_database_status.status_code_sf                  REL 
_pdbx_database_status.status_code_mr                  ? 
_pdbx_database_status.SG_entry                        ? 
_pdbx_database_status.status_code_cs                  ? 
_pdbx_database_status.methods_development_category    ? 
_pdbx_database_status.pdb_format_compatible           Y 
_pdbx_database_status.status_code_nmr_data            ? 
# 
loop_
_pdbx_database_related.db_name 
_pdbx_database_related.db_id 
_pdbx_database_related.details 
_pdbx_database_related.content_type 
PDB 1U1S 'wild-type protein Hfq'                unspecified 
PDB 3INZ 'H57T Hfq from Pseudomonas aeruginosa' unspecified 
PDB 3M4G 'H57A Hfq from Pseudomonas aeruginosa' unspecified 
PDB 4MMK .                                      unspecified 
# 
loop_
_audit_author.name 
_audit_author.pdbx_ordinal 
'Murina, V.N.'    1 
'Filimonov, V.V.' 2 
'Melnik, B.S.'    3 
'Uhlein, M.'      4 
'Mueller, U.'     5 
'Weiss, M.'       6 
'Nikulin, A.D.'   7 
# 
_citation.id                        primary 
_citation.title                     
'Effect of conserved intersubunit amino Acid substitutions on hfq protein structure and stability.' 
_citation.journal_abbrev            'Biochemistry Mosc.' 
_citation.journal_volume            79 
_citation.page_first                469 
_citation.page_last                 477 
_citation.year                      2014 
_citation.journal_id_ASTM           ? 
_citation.country                   US 
_citation.journal_id_ISSN           0006-2979 
_citation.journal_id_CSD            ? 
_citation.book_publisher            ? 
_citation.pdbx_database_id_PubMed   24954598 
_citation.pdbx_database_id_DOI      10.1134/S0006297914050113 
# 
loop_
_citation_author.citation_id 
_citation_author.name 
_citation_author.ordinal 
_citation_author.identifier_ORCID 
primary 'Murina, V.N.'    1 ? 
primary 'Melnik, B.S.'    2 ? 
primary 'Filimonov, V.V.' 3 ? 
primary 'Uhlein, M.'      4 ? 
primary 'Weiss, M.S.'     5 ? 
primary 'Muller, U.'      6 ? 
primary 'Nikulin, A.D.'   7 ? 
# 
loop_
_entity.id 
_entity.type 
_entity.src_method 
_entity.pdbx_description 
_entity.formula_weight 
_entity.pdbx_number_of_molecules 
_entity.pdbx_ec 
_entity.pdbx_mutation 
_entity.pdbx_fragment 
_entity.details 
1 polymer     man 'Protein hfq'              9070.478 1  ? D40A ? ? 
2 non-polymer syn 'SULFATE ION'              96.063   1  ? ?    ? ? 
3 non-polymer syn 'MAGNESIUM ION'            24.305   1  ? ?    ? ? 
4 non-polymer syn "URIDINE-5'-MONOPHOSPHATE" 324.181  1  ? ?    ? ? 
5 water       nat water                      18.015   25 ? ?    ? ? 
# 
_entity_name_com.entity_id   1 
_entity_name_com.name        'bacterial translational regulator Hfq' 
# 
_entity_poly.entity_id                      1 
_entity_poly.type                           'polypeptide(L)' 
_entity_poly.nstd_linkage                   no 
_entity_poly.nstd_monomer                   no 
_entity_poly.pdbx_seq_one_letter_code       
;MSKGHSLQDPYLNTLRKERVPVSIYLVNGIKLQGQIESFAQFVILLKNTVSQMVYKHAISTVVPSRPVRLPSGDQPAEPG
NA
;
_entity_poly.pdbx_seq_one_letter_code_can   
;MSKGHSLQDPYLNTLRKERVPVSIYLVNGIKLQGQIESFAQFVILLKNTVSQMVYKHAISTVVPSRPVRLPSGDQPAEPG
NA
;
_entity_poly.pdbx_strand_id                 A 
_entity_poly.pdbx_target_identifier         ? 
# 
loop_
_pdbx_entity_nonpoly.entity_id 
_pdbx_entity_nonpoly.name 
_pdbx_entity_nonpoly.comp_id 
2 'SULFATE ION'              SO4 
3 'MAGNESIUM ION'            MG  
4 "URIDINE-5'-MONOPHOSPHATE" U5P 
5 water                      HOH 
# 
loop_
_entity_poly_seq.entity_id 
_entity_poly_seq.num 
_entity_poly_seq.mon_id 
_entity_poly_seq.hetero 
1 1  MET n 
1 2  SER n 
1 3  LYS n 
1 4  GLY n 
1 5  HIS n 
1 6  SER n 
1 7  LEU n 
1 8  GLN n 
1 9  ASP n 
1 10 PRO n 
1 11 TYR n 
1 12 LEU n 
1 13 ASN n 
1 14 THR n 
1 15 LEU n 
1 16 ARG n 
1 17 LYS n 
1 18 GLU n 
1 19 ARG n 
1 20 VAL n 
1 21 PRO n 
1 22 VAL n 
1 23 SER n 
1 24 ILE n 
1 25 TYR n 
1 26 LEU n 
1 27 VAL n 
1 28 ASN n 
1 29 GLY n 
1 30 ILE n 
1 31 LYS n 
1 32 LEU n 
1 33 GLN n 
1 34 GLY n 
1 35 GLN n 
1 36 ILE n 
1 37 GLU n 
1 38 SER n 
1 39 PHE n 
1 40 ALA n 
1 41 GLN n 
1 42 PHE n 
1 43 VAL n 
1 44 ILE n 
1 45 LEU n 
1 46 LEU n 
1 47 LYS n 
1 48 ASN n 
1 49 THR n 
1 50 VAL n 
1 51 SER n 
1 52 GLN n 
1 53 MET n 
1 54 VAL n 
1 55 TYR n 
1 56 LYS n 
1 57 HIS n 
1 58 ALA n 
1 59 ILE n 
1 60 SER n 
1 61 THR n 
1 62 VAL n 
1 63 VAL n 
1 64 PRO n 
1 65 SER n 
1 66 ARG n 
1 67 PRO n 
1 68 VAL n 
1 69 ARG n 
1 70 LEU n 
1 71 PRO n 
1 72 SER n 
1 73 GLY n 
1 74 ASP n 
1 75 GLN n 
1 76 PRO n 
1 77 ALA n 
1 78 GLU n 
1 79 PRO n 
1 80 GLY n 
1 81 ASN n 
1 82 ALA n 
# 
_entity_src_gen.entity_id                          1 
_entity_src_gen.pdbx_src_id                        1 
_entity_src_gen.pdbx_alt_source_flag               sample 
_entity_src_gen.pdbx_seq_type                      ? 
_entity_src_gen.pdbx_beg_seq_num                   ? 
_entity_src_gen.pdbx_end_seq_num                   ? 
_entity_src_gen.gene_src_common_name               ? 
_entity_src_gen.gene_src_genus                     ? 
_entity_src_gen.pdbx_gene_src_gene                 'hfq, PA4944' 
_entity_src_gen.gene_src_species                   ? 
_entity_src_gen.gene_src_strain                    'ATCC 15692 / PAO1 / 1C / PRS 101 / LMG 12228' 
_entity_src_gen.gene_src_tissue                    ? 
_entity_src_gen.gene_src_tissue_fraction           ? 
_entity_src_gen.gene_src_details                   ? 
_entity_src_gen.pdbx_gene_src_fragment             ? 
_entity_src_gen.pdbx_gene_src_scientific_name      'Pseudomonas aeruginosa' 
_entity_src_gen.pdbx_gene_src_ncbi_taxonomy_id     208964 
_entity_src_gen.pdbx_gene_src_variant              ? 
_entity_src_gen.pdbx_gene_src_cell_line            ? 
_entity_src_gen.pdbx_gene_src_atcc                 ? 
_entity_src_gen.pdbx_gene_src_organ                ? 
_entity_src_gen.pdbx_gene_src_organelle            ? 
_entity_src_gen.pdbx_gene_src_cell                 ? 
_entity_src_gen.pdbx_gene_src_cellular_location    ? 
_entity_src_gen.host_org_common_name               ? 
_entity_src_gen.pdbx_host_org_scientific_name      'Escherichia coli' 
_entity_src_gen.pdbx_host_org_ncbi_taxonomy_id     469008 
_entity_src_gen.host_org_genus                     ? 
_entity_src_gen.pdbx_host_org_gene                 ? 
_entity_src_gen.pdbx_host_org_organ                ? 
_entity_src_gen.host_org_species                   ? 
_entity_src_gen.pdbx_host_org_tissue               ? 
_entity_src_gen.pdbx_host_org_tissue_fraction      ? 
_entity_src_gen.pdbx_host_org_strain               'BL21(DE3)' 
_entity_src_gen.pdbx_host_org_variant              ? 
_entity_src_gen.pdbx_host_org_cell_line            ? 
_entity_src_gen.pdbx_host_org_atcc                 ? 
_entity_src_gen.pdbx_host_org_culture_collection   ? 
_entity_src_gen.pdbx_host_org_cell                 ? 
_entity_src_gen.pdbx_host_org_organelle            ? 
_entity_src_gen.pdbx_host_org_cellular_location    ? 
_entity_src_gen.pdbx_host_org_vector_type          plasmid 
_entity_src_gen.pdbx_host_org_vector               ? 
_entity_src_gen.host_org_details                   ? 
_entity_src_gen.expression_system_id               ? 
_entity_src_gen.plasmid_name                       ? 
_entity_src_gen.plasmid_details                    ? 
_entity_src_gen.pdbx_description                   ? 
# 
loop_
_chem_comp.id 
_chem_comp.type 
_chem_comp.mon_nstd_flag 
_chem_comp.name 
_chem_comp.pdbx_synonyms 
_chem_comp.formula 
_chem_comp.formula_weight 
ALA 'L-peptide linking' y ALANINE                    ? 'C3 H7 N O2'     89.093  
ARG 'L-peptide linking' y ARGININE                   ? 'C6 H15 N4 O2 1' 175.209 
ASN 'L-peptide linking' y ASPARAGINE                 ? 'C4 H8 N2 O3'    132.118 
ASP 'L-peptide linking' y 'ASPARTIC ACID'            ? 'C4 H7 N O4'     133.103 
GLN 'L-peptide linking' y GLUTAMINE                  ? 'C5 H10 N2 O3'   146.144 
GLU 'L-peptide linking' y 'GLUTAMIC ACID'            ? 'C5 H9 N O4'     147.129 
GLY 'peptide linking'   y GLYCINE                    ? 'C2 H5 N O2'     75.067  
HIS 'L-peptide linking' y HISTIDINE                  ? 'C6 H10 N3 O2 1' 156.162 
HOH non-polymer         . WATER                      ? 'H2 O'           18.015  
ILE 'L-peptide linking' y ISOLEUCINE                 ? 'C6 H13 N O2'    131.173 
LEU 'L-peptide linking' y LEUCINE                    ? 'C6 H13 N O2'    131.173 
LYS 'L-peptide linking' y LYSINE                     ? 'C6 H15 N2 O2 1' 147.195 
MET 'L-peptide linking' y METHIONINE                 ? 'C5 H11 N O2 S'  149.211 
MG  non-polymer         . 'MAGNESIUM ION'            ? 'Mg 2'           24.305  
PHE 'L-peptide linking' y PHENYLALANINE              ? 'C9 H11 N O2'    165.189 
PRO 'L-peptide linking' y PROLINE                    ? 'C5 H9 N O2'     115.130 
SER 'L-peptide linking' y SERINE                     ? 'C3 H7 N O3'     105.093 
SO4 non-polymer         . 'SULFATE ION'              ? 'O4 S -2'        96.063  
THR 'L-peptide linking' y THREONINE                  ? 'C4 H9 N O3'     119.119 
TYR 'L-peptide linking' y TYROSINE                   ? 'C9 H11 N O3'    181.189 
U5P non-polymer         . "URIDINE-5'-MONOPHOSPHATE" ? 'C9 H13 N2 O9 P' 324.181 
VAL 'L-peptide linking' y VALINE                     ? 'C5 H11 N O2'    117.146 
# 
loop_
_pdbx_poly_seq_scheme.asym_id 
_pdbx_poly_seq_scheme.entity_id 
_pdbx_poly_seq_scheme.seq_id 
_pdbx_poly_seq_scheme.mon_id 
_pdbx_poly_seq_scheme.ndb_seq_num 
_pdbx_poly_seq_scheme.pdb_seq_num 
_pdbx_poly_seq_scheme.auth_seq_num 
_pdbx_poly_seq_scheme.pdb_mon_id 
_pdbx_poly_seq_scheme.auth_mon_id 
_pdbx_poly_seq_scheme.pdb_strand_id 
_pdbx_poly_seq_scheme.pdb_ins_code 
_pdbx_poly_seq_scheme.hetero 
A 1 1  MET 1  1  ?  ?   ?   A . n 
A 1 2  SER 2  2  ?  ?   ?   A . n 
A 1 3  LYS 3  3  ?  ?   ?   A . n 
A 1 4  GLY 4  4  4  GLY GLY A . n 
A 1 5  HIS 5  5  5  HIS HIS A . n 
A 1 6  SER 6  6  6  SER SER A . n 
A 1 7  LEU 7  7  7  LEU LEU A . n 
A 1 8  GLN 8  8  8  GLN GLN A . n 
A 1 9  ASP 9  9  9  ASP ASP A . n 
A 1 10 PRO 10 10 10 PRO PRO A . n 
A 1 11 TYR 11 11 11 TYR TYR A . n 
A 1 12 LEU 12 12 12 LEU LEU A . n 
A 1 13 ASN 13 13 13 ASN ASN A . n 
A 1 14 THR 14 14 14 THR THR A . n 
A 1 15 LEU 15 15 15 LEU LEU A . n 
A 1 16 ARG 16 16 16 ARG ARG A . n 
A 1 17 LYS 17 17 17 LYS LYS A . n 
A 1 18 GLU 18 18 18 GLU GLU A . n 
A 1 19 ARG 19 19 19 ARG ARG A . n 
A 1 20 VAL 20 20 20 VAL VAL A . n 
A 1 21 PRO 21 21 21 PRO PRO A . n 
A 1 22 VAL 22 22 22 VAL VAL A . n 
A 1 23 SER 23 23 23 SER SER A . n 
A 1 24 ILE 24 24 24 ILE ILE A . n 
A 1 25 TYR 25 25 25 TYR TYR A . n 
A 1 26 LEU 26 26 26 LEU LEU A . n 
A 1 27 VAL 27 27 27 VAL VAL A . n 
A 1 28 ASN 28 28 28 ASN ASN A . n 
A 1 29 GLY 29 29 29 GLY GLY A . n 
A 1 30 ILE 30 30 30 ILE ILE A . n 
A 1 31 LYS 31 31 31 LYS LYS A . n 
A 1 32 LEU 32 32 32 LEU LEU A . n 
A 1 33 GLN 33 33 33 GLN GLN A . n 
A 1 34 GLY 34 34 34 GLY GLY A . n 
A 1 35 GLN 35 35 35 GLN GLN A . n 
A 1 36 ILE 36 36 36 ILE ILE A . n 
A 1 37 GLU 37 37 37 GLU GLU A . n 
A 1 38 SER 38 38 38 SER SER A . n 
A 1 39 PHE 39 39 39 PHE PHE A . n 
A 1 40 ALA 40 40 40 ALA ALA A . n 
A 1 41 GLN 41 41 41 GLN GLN A . n 
A 1 42 PHE 42 42 42 PHE PHE A . n 
A 1 43 VAL 43 43 43 VAL VAL A . n 
A 1 44 ILE 44 44 44 ILE ILE A . n 
A 1 45 LEU 45 45 45 LEU LEU A . n 
A 1 46 LEU 46 46 46 LEU LEU A . n 
A 1 47 LYS 47 47 47 LYS LYS A . n 
A 1 48 ASN 48 48 48 ASN ASN A . n 
A 1 49 THR 49 49 49 THR THR A . n 
A 1 50 VAL 50 50 50 VAL VAL A . n 
A 1 51 SER 51 51 51 SER SER A . n 
A 1 52 GLN 52 52 52 GLN GLN A . n 
A 1 53 MET 53 53 53 MET MET A . n 
A 1 54 VAL 54 54 54 VAL VAL A . n 
A 1 55 TYR 55 55 55 TYR TYR A . n 
A 1 56 LYS 56 56 56 LYS LYS A . n 
A 1 57 HIS 57 57 57 HIS HIS A . n 
A 1 58 ALA 58 58 58 ALA ALA A . n 
A 1 59 ILE 59 59 59 ILE ILE A . n 
A 1 60 SER 60 60 60 SER SER A . n 
A 1 61 THR 61 61 61 THR THR A . n 
A 1 62 VAL 62 62 62 VAL VAL A . n 
A 1 63 VAL 63 63 63 VAL VAL A . n 
A 1 64 PRO 64 64 64 PRO PRO A . n 
A 1 65 SER 65 65 65 SER SER A . n 
A 1 66 ARG 66 66 66 ARG ARG A . n 
A 1 67 PRO 67 67 67 PRO PRO A . n 
A 1 68 VAL 68 68 68 VAL VAL A . n 
A 1 69 ARG 69 69 69 ARG ARG A . n 
A 1 70 LEU 70 70 70 LEU LEU A . n 
A 1 71 PRO 71 71 ?  ?   ?   A . n 
A 1 72 SER 72 72 ?  ?   ?   A . n 
A 1 73 GLY 73 73 ?  ?   ?   A . n 
A 1 74 ASP 74 74 ?  ?   ?   A . n 
A 1 75 GLN 75 75 ?  ?   ?   A . n 
A 1 76 PRO 76 76 ?  ?   ?   A . n 
A 1 77 ALA 77 77 ?  ?   ?   A . n 
A 1 78 GLU 78 78 ?  ?   ?   A . n 
A 1 79 PRO 79 79 ?  ?   ?   A . n 
A 1 80 GLY 80 80 ?  ?   ?   A . n 
A 1 81 ASN 81 81 ?  ?   ?   A . n 
A 1 82 ALA 82 82 ?  ?   ?   A . n 
# 
loop_
_pdbx_nonpoly_scheme.asym_id 
_pdbx_nonpoly_scheme.entity_id 
_pdbx_nonpoly_scheme.mon_id 
_pdbx_nonpoly_scheme.ndb_seq_num 
_pdbx_nonpoly_scheme.pdb_seq_num 
_pdbx_nonpoly_scheme.auth_seq_num 
_pdbx_nonpoly_scheme.pdb_mon_id 
_pdbx_nonpoly_scheme.auth_mon_id 
_pdbx_nonpoly_scheme.pdb_strand_id 
_pdbx_nonpoly_scheme.pdb_ins_code 
B 2 SO4 1  101 1  SO4 SO4 A . 
C 3 MG  1  102 2  MG  MG  A . 
D 4 U5P 1  103 1  U5P U   A . 
E 5 HOH 1  201 1  HOH HOH A . 
E 5 HOH 2  202 2  HOH HOH A . 
E 5 HOH 3  203 3  HOH HOH A . 
E 5 HOH 4  204 4  HOH HOH A . 
E 5 HOH 5  205 5  HOH HOH A . 
E 5 HOH 6  206 6  HOH HOH A . 
E 5 HOH 7  207 7  HOH HOH A . 
E 5 HOH 8  208 8  HOH HOH A . 
E 5 HOH 9  209 9  HOH HOH A . 
E 5 HOH 10 210 10 HOH HOH A . 
E 5 HOH 11 211 11 HOH HOH A . 
E 5 HOH 12 212 12 HOH HOH A . 
E 5 HOH 13 213 13 HOH HOH A . 
E 5 HOH 14 214 14 HOH HOH A . 
E 5 HOH 15 215 15 HOH HOH A . 
E 5 HOH 16 216 16 HOH HOH A . 
E 5 HOH 17 217 17 HOH HOH A . 
E 5 HOH 18 218 18 HOH HOH A . 
E 5 HOH 19 219 19 HOH HOH A . 
E 5 HOH 20 220 20 HOH HOH A . 
E 5 HOH 21 221 22 HOH HOH A . 
E 5 HOH 22 222 23 HOH HOH A . 
E 5 HOH 23 223 24 HOH HOH A . 
E 5 HOH 24 224 25 HOH HOH A . 
E 5 HOH 25 225 26 HOH HOH A . 
# 
_pdbx_unobs_or_zero_occ_atoms.id               1 
_pdbx_unobs_or_zero_occ_atoms.PDB_model_num    1 
_pdbx_unobs_or_zero_occ_atoms.polymer_flag     N 
_pdbx_unobs_or_zero_occ_atoms.occupancy_flag   1 
_pdbx_unobs_or_zero_occ_atoms.auth_asym_id     A 
_pdbx_unobs_or_zero_occ_atoms.auth_comp_id     U5P 
_pdbx_unobs_or_zero_occ_atoms.auth_seq_id      103 
_pdbx_unobs_or_zero_occ_atoms.PDB_ins_code     ? 
_pdbx_unobs_or_zero_occ_atoms.auth_atom_id     O3P 
_pdbx_unobs_or_zero_occ_atoms.label_alt_id     ? 
_pdbx_unobs_or_zero_occ_atoms.label_asym_id    D 
_pdbx_unobs_or_zero_occ_atoms.label_comp_id    U5P 
_pdbx_unobs_or_zero_occ_atoms.label_seq_id     1 
_pdbx_unobs_or_zero_occ_atoms.label_atom_id    O3P 
# 
loop_
_software.name 
_software.classification 
_software.version 
_software.citation_id 
_software.pdbx_ordinal 
MAR345dtb 'data collection' .                           ? 1 
PHASER    phasing           .                           ? 2 
PHENIX    refinement        '(phenix.refine: dev_1418)' ? 3 
PROCESS   'data reduction'  .                           ? 4 
SCALA     'data scaling'    .                           ? 5 
# 
_cell.entry_id           4MML 
_cell.length_a           65.790 
_cell.length_b           65.790 
_cell.length_c           28.130 
_cell.angle_alpha        90.00 
_cell.angle_beta         90.00 
_cell.angle_gamma        120.00 
_cell.Z_PDB              6 
_cell.pdbx_unique_axis   ? 
# 
_symmetry.entry_id                         4MML 
_symmetry.space_group_name_H-M             'P 6' 
_symmetry.pdbx_full_space_group_name_H-M   ? 
_symmetry.cell_setting                     ? 
_symmetry.Int_Tables_number                168 
# 
_exptl.entry_id          4MML 
_exptl.method            'X-RAY DIFFRACTION' 
_exptl.crystals_number   1 
# 
_exptl_crystal.id                    1 
_exptl_crystal.density_meas          ? 
_exptl_crystal.density_Matthews      1.94 
_exptl_crystal.density_percent_sol   36.52 
_exptl_crystal.description           ? 
# 
_exptl_crystal_grow.crystal_id      1 
_exptl_crystal_grow.method          'VAPOR DIFFUSION, HANGING DROP' 
_exptl_crystal_grow.temp            303 
_exptl_crystal_grow.temp_details    ? 
_exptl_crystal_grow.pH              6.5 
_exptl_crystal_grow.pdbx_pH_range   ? 
_exptl_crystal_grow.pdbx_details    
'7% w/v PEG2000 MME, 2% MPD, 20 micromolar zinc chloride, 50 mM Tris-HCl, pH 6.5, VAPOR DIFFUSION, HANGING DROP, temperature 303K' 
# 
_diffrn.id                     1 
_diffrn.ambient_temp           100 
_diffrn.ambient_temp_details   ? 
_diffrn.crystal_id             1 
# 
_diffrn_detector.diffrn_id              1 
_diffrn_detector.detector               CCD 
_diffrn_detector.type                   'MARMOSAIC 225 mm CCD' 
_diffrn_detector.pdbx_collection_date   2009-11-29 
_diffrn_detector.details                ? 
# 
_diffrn_radiation.diffrn_id                        1 
_diffrn_radiation.wavelength_id                    1 
_diffrn_radiation.pdbx_monochromatic_or_laue_m_l   M 
_diffrn_radiation.monochromator                    'Double crystal Si(111)' 
_diffrn_radiation.pdbx_diffrn_protocol             'SINGLE WAVELENGTH' 
_diffrn_radiation.pdbx_scattering_type             x-ray 
# 
_diffrn_radiation_wavelength.id           1 
_diffrn_radiation_wavelength.wavelength   0.918410 
_diffrn_radiation_wavelength.wt           1.0 
# 
_diffrn_source.diffrn_id                   1 
_diffrn_source.source                      SYNCHROTRON 
_diffrn_source.type                        'BESSY BEAMLINE 14.1' 
_diffrn_source.pdbx_synchrotron_site       BESSY 
_diffrn_source.pdbx_synchrotron_beamline   14.1 
_diffrn_source.pdbx_wavelength             ? 
_diffrn_source.pdbx_wavelength_list        0.918410 
# 
_reflns.pdbx_diffrn_id               1 
_reflns.pdbx_ordinal                 1 
_reflns.entry_id                     4MML 
_reflns.observed_criterion_sigma_I   0 
_reflns.observed_criterion_sigma_F   0 
_reflns.d_resolution_low             35 
_reflns.d_resolution_high            1.8 
_reflns.number_obs                   6611 
_reflns.number_all                   6611 
_reflns.percent_possible_obs         99.8 
_reflns.pdbx_Rmerge_I_obs            0.062 
_reflns.pdbx_Rsym_value              ? 
_reflns.pdbx_netI_over_sigmaI        18.3 
_reflns.B_iso_Wilson_estimate        24.5 
_reflns.pdbx_redundancy              5.4 
# 
_reflns_shell.pdbx_diffrn_id         1 
_reflns_shell.pdbx_ordinal           1 
_reflns_shell.d_res_high             1.8 
_reflns_shell.d_res_low              1.9 
_reflns_shell.percent_possible_all   99.0 
_reflns_shell.Rmerge_I_obs           0.525 
_reflns_shell.pdbx_Rsym_value        ? 
_reflns_shell.meanI_over_sigI_obs    3.1 
_reflns_shell.pdbx_redundancy        5.4 
# 
_refine.pdbx_refine_id                           'X-RAY DIFFRACTION' 
_refine.entry_id                                 4MML 
_refine.pdbx_diffrn_id                           1 
_refine.pdbx_TLS_residual_ADP_flag               ? 
_refine.ls_number_reflns_obs                     6611 
_refine.ls_number_reflns_all                     6611 
_refine.pdbx_ls_sigma_I                          ? 
_refine.pdbx_ls_sigma_F                          1.34 
_refine.pdbx_data_cutoff_high_absF               ? 
_refine.pdbx_data_cutoff_low_absF                ? 
_refine.pdbx_data_cutoff_high_rms_absF           ? 
_refine.ls_d_res_low                             32.895 
_refine.ls_d_res_high                            1.801 
_refine.ls_percent_reflns_obs                    98.54 
_refine.ls_R_factor_obs                          0.1718 
_refine.ls_R_factor_all                          ? 
_refine.ls_R_factor_R_work                       0.1638 
_refine.ls_R_factor_R_free                       0.2029 
_refine.ls_R_factor_R_free_error                 ? 
_refine.ls_R_factor_R_free_error_details         ? 
_refine.ls_percent_reflns_R_free                 4.75 
_refine.ls_number_reflns_R_free                  311 
_refine.ls_number_parameters                     ? 
_refine.ls_number_restraints                     ? 
_refine.occupancy_min                            ? 
_refine.occupancy_max                            ? 
_refine.correlation_coeff_Fo_to_Fc               ? 
_refine.correlation_coeff_Fo_to_Fc_free          ? 
_refine.B_iso_mean                               30.9 
_refine.aniso_B[1][1]                            ? 
_refine.aniso_B[2][2]                            ? 
_refine.aniso_B[3][3]                            ? 
_refine.aniso_B[1][2]                            ? 
_refine.aniso_B[1][3]                            ? 
_refine.aniso_B[2][3]                            ? 
_refine.solvent_model_details                    'FLAT BULK SOLVENT MODEL' 
_refine.solvent_model_param_ksol                 ? 
_refine.solvent_model_param_bsol                 ? 
_refine.pdbx_solvent_vdw_probe_radii             1.11 
_refine.pdbx_solvent_ion_probe_radii             ? 
_refine.pdbx_solvent_shrinkage_radii             0.90 
_refine.pdbx_ls_cross_valid_method               ? 
_refine.details                                  ? 
_refine.pdbx_starting_model                      'PDB ENTRY 1U1S' 
_refine.pdbx_method_to_determine_struct          'MOLECULAR REPLACEMENT' 
_refine.pdbx_isotropic_thermal_model             ISOTROPIC 
_refine.pdbx_stereochemistry_target_values       TWIN_LSQ_F 
_refine.pdbx_stereochem_target_val_spec_case     ? 
_refine.pdbx_R_Free_selection_details            ? 
_refine.pdbx_overall_ESU_R                       ? 
_refine.pdbx_overall_ESU_R_Free                  ? 
_refine.overall_SU_ML                            . 
_refine.pdbx_overall_phase_error                 30.38 
_refine.overall_SU_B                             ? 
_refine.overall_SU_R_Cruickshank_DPI             ? 
_refine.pdbx_overall_SU_R_free_Cruickshank_DPI   ? 
_refine.pdbx_overall_SU_R_Blow_DPI               ? 
_refine.pdbx_overall_SU_R_free_Blow_DPI          ? 
# 
_refine_hist.pdbx_refine_id                   'X-RAY DIFFRACTION' 
_refine_hist.cycle_id                         LAST 
_refine_hist.pdbx_number_atoms_protein        535 
_refine_hist.pdbx_number_atoms_nucleic_acid   0 
_refine_hist.pdbx_number_atoms_ligand         26 
_refine_hist.number_atoms_solvent             25 
_refine_hist.number_atoms_total               586 
_refine_hist.d_res_high                       1.801 
_refine_hist.d_res_low                        32.895 
# 
loop_
_refine_ls_restr.type 
_refine_ls_restr.dev_ideal 
_refine_ls_restr.dev_ideal_target 
_refine_ls_restr.weight 
_refine_ls_restr.number 
_refine_ls_restr.pdbx_refine_id 
_refine_ls_restr.pdbx_restraint_function 
f_bond_d           0.008  ? ? 570 'X-RAY DIFFRACTION' ? 
f_angle_d          1.090  ? ? 775 'X-RAY DIFFRACTION' ? 
f_dihedral_angle_d 13.677 ? ? 216 'X-RAY DIFFRACTION' ? 
f_chiral_restr     0.039  ? ? 94  'X-RAY DIFFRACTION' ? 
f_plane_restr      0.004  ? ? 93  'X-RAY DIFFRACTION' ? 
# 
loop_
_refine_ls_shell.pdbx_refine_id 
_refine_ls_shell.pdbx_total_number_of_bins_used 
_refine_ls_shell.d_res_high 
_refine_ls_shell.d_res_low 
_refine_ls_shell.number_reflns_R_work 
_refine_ls_shell.R_factor_R_work 
_refine_ls_shell.percent_reflns_obs 
_refine_ls_shell.R_factor_R_free 
_refine_ls_shell.R_factor_R_free_error 
_refine_ls_shell.percent_reflns_R_free 
_refine_ls_shell.number_reflns_R_free 
_refine_ls_shell.number_reflns_all 
_refine_ls_shell.R_factor_all 
'X-RAY DIFFRACTION' . 1.8044 1.9854  2929 0.2592 93.00 0.2456 . . 152 . . 
'X-RAY DIFFRACTION' . 1.9854 2.2713  2940 0.2007 94.00 0.2143 . . 135 . . 
'X-RAY DIFFRACTION' . 2.2713 2.8562  2947 0.1812 94.00 0.2411 . . 156 . . 
'X-RAY DIFFRACTION' . 2.8562 12.7080 2974 0.1410 95.00 0.1874 . . 142 . . 
# 
_struct.entry_id                  4MML 
_struct.title                     'D40A Hfq from Pseudomonas aeruginosa' 
_struct.pdbx_model_details        ? 
_struct.pdbx_CASP_flag            ? 
_struct.pdbx_model_type_details   ? 
# 
_struct_keywords.entry_id        4MML 
_struct_keywords.pdbx_keywords   'RNA BINDING PROTEIN' 
_struct_keywords.text            'LSM fold, RNA BINDING PROTEIN' 
# 
loop_
_struct_asym.id 
_struct_asym.pdbx_blank_PDB_chainid_flag 
_struct_asym.pdbx_modified 
_struct_asym.entity_id 
_struct_asym.details 
A N N 1 ? 
B N N 2 ? 
C N N 3 ? 
D N N 4 ? 
E N N 5 ? 
# 
_struct_ref.id                         1 
_struct_ref.db_name                    UNP 
_struct_ref.db_code                    HFQ_PSEAE 
_struct_ref.pdbx_db_accession          Q9HUM0 
_struct_ref.entity_id                  1 
_struct_ref.pdbx_seq_one_letter_code   
;MSKGHSLQDPYLNTLRKERVPVSIYLVNGIKLQGQIESFDQFVILLKNTVSQMVYKHAISTVVPSRPVRLPSGDQPAEPG
NA
;
_struct_ref.pdbx_align_begin           1 
_struct_ref.pdbx_db_isoform            ? 
# 
_struct_ref_seq.align_id                      1 
_struct_ref_seq.ref_id                        1 
_struct_ref_seq.pdbx_PDB_id_code              4MML 
_struct_ref_seq.pdbx_strand_id                A 
_struct_ref_seq.seq_align_beg                 1 
_struct_ref_seq.pdbx_seq_align_beg_ins_code   ? 
_struct_ref_seq.seq_align_end                 82 
_struct_ref_seq.pdbx_seq_align_end_ins_code   ? 
_struct_ref_seq.pdbx_db_accession             Q9HUM0 
_struct_ref_seq.db_align_beg                  1 
_struct_ref_seq.pdbx_db_align_beg_ins_code    ? 
_struct_ref_seq.db_align_end                  82 
_struct_ref_seq.pdbx_db_align_end_ins_code    ? 
_struct_ref_seq.pdbx_auth_seq_align_beg       1 
_struct_ref_seq.pdbx_auth_seq_align_end       82 
# 
_struct_ref_seq_dif.align_id                     1 
_struct_ref_seq_dif.pdbx_pdb_id_code             4MML 
_struct_ref_seq_dif.mon_id                       ALA 
_struct_ref_seq_dif.pdbx_pdb_strand_id           A 
_struct_ref_seq_dif.seq_num                      40 
_struct_ref_seq_dif.pdbx_pdb_ins_code            ? 
_struct_ref_seq_dif.pdbx_seq_db_name             UNP 
_struct_ref_seq_dif.pdbx_seq_db_accession_code   Q9HUM0 
_struct_ref_seq_dif.db_mon_id                    ASP 
_struct_ref_seq_dif.pdbx_seq_db_seq_num          40 
_struct_ref_seq_dif.details                      'engineered mutation' 
_struct_ref_seq_dif.pdbx_auth_seq_num            40 
_struct_ref_seq_dif.pdbx_ordinal                 1 
# 
_pdbx_struct_assembly.id                   1 
_pdbx_struct_assembly.details              author_and_software_defined_assembly 
_pdbx_struct_assembly.method_details       PISA 
_pdbx_struct_assembly.oligomeric_details   hexameric 
_pdbx_struct_assembly.oligomeric_count     6 
# 
loop_
_pdbx_struct_assembly_prop.biol_id 
_pdbx_struct_assembly_prop.type 
_pdbx_struct_assembly_prop.value 
_pdbx_struct_assembly_prop.details 
1 'ABSA (A^2)' 11890 ? 
1 MORE         -236  ? 
1 'SSA (A^2)'  17930 ? 
# 
_pdbx_struct_assembly_gen.assembly_id       1 
_pdbx_struct_assembly_gen.oper_expression   1,2,3,4,5,6 
_pdbx_struct_assembly_gen.asym_id_list      A,B,C,D,E 
# 
loop_
_pdbx_struct_oper_list.id 
_pdbx_struct_oper_list.type 
_pdbx_struct_oper_list.name 
_pdbx_struct_oper_list.symmetry_operation 
_pdbx_struct_oper_list.matrix[1][1] 
_pdbx_struct_oper_list.matrix[1][2] 
_pdbx_struct_oper_list.matrix[1][3] 
_pdbx_struct_oper_list.vector[1] 
_pdbx_struct_oper_list.matrix[2][1] 
_pdbx_struct_oper_list.matrix[2][2] 
_pdbx_struct_oper_list.matrix[2][3] 
_pdbx_struct_oper_list.vector[2] 
_pdbx_struct_oper_list.matrix[3][1] 
_pdbx_struct_oper_list.matrix[3][2] 
_pdbx_struct_oper_list.matrix[3][3] 
_pdbx_struct_oper_list.vector[3] 
1 'identity operation'         1_555 x,y,z     1.0000000000 0.0000000000  0.0000000000 0.0000000000  0.0000000000  1.0000000000  0.0000000000  0.0000000000   0.0000000000 0.0000000000  1.0000000000  0.0000000000   
2 'crystal symmetry operation' 2_555 -y,x-y,z  0.9232608383 0.1848999180  0.3367513101 3.4860695105  -0.2066509948 -0.4999168969 0.8410579424  -28.9321449253 0.3238592146 -0.8461058542 -0.4233439413 -15.9738262427 
3 'crystal symmetry operation' 3_555 -x+y,-x,z 0.9232608383 -0.2066509948 0.3238592146 -4.0241371698 0.1848999180  -0.4999168969 -0.8461058542 -28.6237899768 0.3367513101 0.8410579424  -0.4233439413 16.3972492463  
4 'crystal symmetry operation' 4_555 -x,-y,z   0.8976811177 -0.0145007179 0.4404070164 -0.3587117729 -0.0145007179 -0.9998891959 -0.0033652745 -38.3706232681 0.4404070164 -0.0033652745 -0.8977919218 0.2822820024   
5 'crystal symmetry operation' 5_555 y,-x+y,z  0.9744202794 -0.1994006359 0.1036557063 -3.8447812834 0.1921502769  0.5000277010  -0.8444232169 -9.4384783428  0.1165478019 0.8427405797  0.5255520196  16.2561082451  
6 'crystal symmetry operation' 6_555 x-y,x,z   0.9744202794 0.1921502769  0.1165478019 3.6654253969  -0.1994006359 0.5000277010  0.8427405797  -9.7468332913  0.1036557063 -0.8444232169 0.5255520196  -16.1149672439 
# 
_struct_conf.conf_type_id            HELX_P 
_struct_conf.id                      HELX_P1 
_struct_conf.pdbx_PDB_helix_id       1 
_struct_conf.beg_label_comp_id       LEU 
_struct_conf.beg_label_asym_id       A 
_struct_conf.beg_label_seq_id        7 
_struct_conf.pdbx_beg_PDB_ins_code   ? 
_struct_conf.end_label_comp_id       GLU 
_struct_conf.end_label_asym_id       A 
_struct_conf.end_label_seq_id        18 
_struct_conf.pdbx_end_PDB_ins_code   ? 
_struct_conf.beg_auth_comp_id        LEU 
_struct_conf.beg_auth_asym_id        A 
_struct_conf.beg_auth_seq_id         7 
_struct_conf.end_auth_comp_id        GLU 
_struct_conf.end_auth_asym_id        A 
_struct_conf.end_auth_seq_id         18 
_struct_conf.pdbx_PDB_helix_class    1 
_struct_conf.details                 ? 
_struct_conf.pdbx_PDB_helix_length   12 
# 
_struct_conf_type.id          HELX_P 
_struct_conf_type.criteria    ? 
_struct_conf_type.reference   ? 
# 
_struct_sheet.id               A 
_struct_sheet.type             ? 
_struct_sheet.number_strands   5 
_struct_sheet.details          ? 
# 
loop_
_struct_sheet_order.sheet_id 
_struct_sheet_order.range_id_1 
_struct_sheet_order.range_id_2 
_struct_sheet_order.offset 
_struct_sheet_order.sense 
A 1 2 ? anti-parallel 
A 2 3 ? anti-parallel 
A 3 4 ? anti-parallel 
A 4 5 ? anti-parallel 
# 
loop_
_struct_sheet_range.sheet_id 
_struct_sheet_range.id 
_struct_sheet_range.beg_label_comp_id 
_struct_sheet_range.beg_label_asym_id 
_struct_sheet_range.beg_label_seq_id 
_struct_sheet_range.pdbx_beg_PDB_ins_code 
_struct_sheet_range.end_label_comp_id 
_struct_sheet_range.end_label_asym_id 
_struct_sheet_range.end_label_seq_id 
_struct_sheet_range.pdbx_end_PDB_ins_code 
_struct_sheet_range.beg_auth_comp_id 
_struct_sheet_range.beg_auth_asym_id 
_struct_sheet_range.beg_auth_seq_id 
_struct_sheet_range.end_auth_comp_id 
_struct_sheet_range.end_auth_asym_id 
_struct_sheet_range.end_auth_seq_id 
A 1 GLN A 52 ? TYR A 55 ? GLN A 52 TYR A 55 
A 2 VAL A 43 ? LYS A 47 ? VAL A 43 LYS A 47 
A 3 LYS A 31 ? PHE A 39 ? LYS A 31 PHE A 39 
A 4 PRO A 21 ? LEU A 26 ? PRO A 21 LEU A 26 
A 5 ILE A 59 ? PRO A 64 ? ILE A 59 PRO A 64 
# 
loop_
_pdbx_struct_sheet_hbond.sheet_id 
_pdbx_struct_sheet_hbond.range_id_1 
_pdbx_struct_sheet_hbond.range_id_2 
_pdbx_struct_sheet_hbond.range_1_label_atom_id 
_pdbx_struct_sheet_hbond.range_1_label_comp_id 
_pdbx_struct_sheet_hbond.range_1_label_asym_id 
_pdbx_struct_sheet_hbond.range_1_label_seq_id 
_pdbx_struct_sheet_hbond.range_1_PDB_ins_code 
_pdbx_struct_sheet_hbond.range_1_auth_atom_id 
_pdbx_struct_sheet_hbond.range_1_auth_comp_id 
_pdbx_struct_sheet_hbond.range_1_auth_asym_id 
_pdbx_struct_sheet_hbond.range_1_auth_seq_id 
_pdbx_struct_sheet_hbond.range_2_label_atom_id 
_pdbx_struct_sheet_hbond.range_2_label_comp_id 
_pdbx_struct_sheet_hbond.range_2_label_asym_id 
_pdbx_struct_sheet_hbond.range_2_label_seq_id 
_pdbx_struct_sheet_hbond.range_2_PDB_ins_code 
_pdbx_struct_sheet_hbond.range_2_auth_atom_id 
_pdbx_struct_sheet_hbond.range_2_auth_comp_id 
_pdbx_struct_sheet_hbond.range_2_auth_asym_id 
_pdbx_struct_sheet_hbond.range_2_auth_seq_id 
A 1 2 O VAL A 54 ? O VAL A 54 N ILE A 44 ? N ILE A 44 
A 2 3 O LEU A 45 ? O LEU A 45 N SER A 38 ? N SER A 38 
A 3 4 O LEU A 32 ? O LEU A 32 N ILE A 24 ? N ILE A 24 
A 4 5 N SER A 23 ? N SER A 23 O VAL A 63 ? O VAL A 63 
# 
loop_
_struct_site.id 
_struct_site.pdbx_evidence_code 
_struct_site.pdbx_auth_asym_id 
_struct_site.pdbx_auth_comp_id 
_struct_site.pdbx_auth_seq_id 
_struct_site.pdbx_auth_ins_code 
_struct_site.pdbx_num_residues 
_struct_site.details 
AC1 Software A SO4 101 ? 8 'BINDING SITE FOR RESIDUE SO4 A 101' 
AC2 Software A U5P 103 ? 7 'BINDING SITE FOR RESIDUE U5P A 103' 
# 
loop_
_struct_site_gen.id 
_struct_site_gen.site_id 
_struct_site_gen.pdbx_num_res 
_struct_site_gen.label_comp_id 
_struct_site_gen.label_asym_id 
_struct_site_gen.label_seq_id 
_struct_site_gen.pdbx_auth_ins_code 
_struct_site_gen.auth_comp_id 
_struct_site_gen.auth_asym_id 
_struct_site_gen.auth_seq_id 
_struct_site_gen.label_atom_id 
_struct_site_gen.label_alt_id 
_struct_site_gen.symmetry 
_struct_site_gen.details 
1  AC1 8 SER A 6  ? SER A 6   . ? 5_555 ? 
2  AC1 8 LEU A 7  ? LEU A 7   . ? 5_555 ? 
3  AC1 8 GLN A 8  ? GLN A 8   . ? 5_555 ? 
4  AC1 8 ALA A 40 ? ALA A 40  . ? 1_555 ? 
5  AC1 8 GLN A 41 ? GLN A 41  . ? 1_555 ? 
6  AC1 8 PHE A 42 ? PHE A 42  . ? 1_555 ? 
7  AC1 8 VAL A 43 ? VAL A 43  . ? 1_555 ? 
8  AC1 8 HOH E .  ? HOH A 208 . ? 1_555 ? 
9  AC2 7 GLN A 8  ? GLN A 8   . ? 1_555 ? 
10 AC2 7 GLN A 41 ? GLN A 41  . ? 1_555 ? 
11 AC2 7 PHE A 42 ? PHE A 42  . ? 6_555 ? 
12 AC2 7 TYR A 55 ? TYR A 55  . ? 6_555 ? 
13 AC2 7 LYS A 56 ? LYS A 56  . ? 1_555 ? 
14 AC2 7 HIS A 57 ? HIS A 57  . ? 6_555 ? 
15 AC2 7 HIS A 57 ? HIS A 57  . ? 1_555 ? 
# 
_pdbx_entry_details.entry_id                   4MML 
_pdbx_entry_details.compound_details           ? 
_pdbx_entry_details.source_details             ? 
_pdbx_entry_details.nonpolymer_details         ? 
_pdbx_entry_details.sequence_details           ? 
_pdbx_entry_details.has_ligand_of_interest     ? 
_pdbx_entry_details.has_protein_modification   N 
# 
loop_
_pdbx_validate_torsion.id 
_pdbx_validate_torsion.PDB_model_num 
_pdbx_validate_torsion.auth_comp_id 
_pdbx_validate_torsion.auth_asym_id 
_pdbx_validate_torsion.auth_seq_id 
_pdbx_validate_torsion.PDB_ins_code 
_pdbx_validate_torsion.label_alt_id 
_pdbx_validate_torsion.phi 
_pdbx_validate_torsion.psi 
1 1 HIS A 5  ? ? 22.92   56.63   
2 1 ALA A 40 ? ? -137.86 -149.69 
3 1 ASN A 48 ? ? -158.78 -83.25  
# 
_pdbx_validate_peptide_omega.id               1 
_pdbx_validate_peptide_omega.PDB_model_num    1 
_pdbx_validate_peptide_omega.auth_comp_id_1   LYS 
_pdbx_validate_peptide_omega.auth_asym_id_1   A 
_pdbx_validate_peptide_omega.auth_seq_id_1    47 
_pdbx_validate_peptide_omega.PDB_ins_code_1   ? 
_pdbx_validate_peptide_omega.label_alt_id_1   ? 
_pdbx_validate_peptide_omega.auth_comp_id_2   ASN 
_pdbx_validate_peptide_omega.auth_asym_id_2   A 
_pdbx_validate_peptide_omega.auth_seq_id_2    48 
_pdbx_validate_peptide_omega.PDB_ins_code_2   ? 
_pdbx_validate_peptide_omega.label_alt_id_2   ? 
_pdbx_validate_peptide_omega.omega            146.70 
# 
loop_
_pdbx_struct_special_symmetry.id 
_pdbx_struct_special_symmetry.PDB_model_num 
_pdbx_struct_special_symmetry.auth_asym_id 
_pdbx_struct_special_symmetry.auth_comp_id 
_pdbx_struct_special_symmetry.auth_seq_id 
_pdbx_struct_special_symmetry.PDB_ins_code 
_pdbx_struct_special_symmetry.label_asym_id 
_pdbx_struct_special_symmetry.label_comp_id 
_pdbx_struct_special_symmetry.label_seq_id 
1 1 A MG  102 ? C MG  . 
2 1 A HOH 213 ? E HOH . 
3 1 A HOH 215 ? E HOH . 
# 
_pdbx_distant_solvent_atoms.id                                1 
_pdbx_distant_solvent_atoms.PDB_model_num                     1 
_pdbx_distant_solvent_atoms.auth_atom_id                      O 
_pdbx_distant_solvent_atoms.label_alt_id                      ? 
_pdbx_distant_solvent_atoms.auth_asym_id                      A 
_pdbx_distant_solvent_atoms.auth_comp_id                      HOH 
_pdbx_distant_solvent_atoms.auth_seq_id                       213 
_pdbx_distant_solvent_atoms.PDB_ins_code                      ? 
_pdbx_distant_solvent_atoms.neighbor_macromolecule_distance   6.12 
_pdbx_distant_solvent_atoms.neighbor_ligand_distance          . 
# 
loop_
_pdbx_unobs_or_zero_occ_residues.id 
_pdbx_unobs_or_zero_occ_residues.PDB_model_num 
_pdbx_unobs_or_zero_occ_residues.polymer_flag 
_pdbx_unobs_or_zero_occ_residues.occupancy_flag 
_pdbx_unobs_or_zero_occ_residues.auth_asym_id 
_pdbx_unobs_or_zero_occ_residues.auth_comp_id 
_pdbx_unobs_or_zero_occ_residues.auth_seq_id 
_pdbx_unobs_or_zero_occ_residues.PDB_ins_code 
_pdbx_unobs_or_zero_occ_residues.label_asym_id 
_pdbx_unobs_or_zero_occ_residues.label_comp_id 
_pdbx_unobs_or_zero_occ_residues.label_seq_id 
1  1 Y 1 A MET 1  ? A MET 1  
2  1 Y 1 A SER 2  ? A SER 2  
3  1 Y 1 A LYS 3  ? A LYS 3  
4  1 Y 1 A PRO 71 ? A PRO 71 
5  1 Y 1 A SER 72 ? A SER 72 
6  1 Y 1 A GLY 73 ? A GLY 73 
7  1 Y 1 A ASP 74 ? A ASP 74 
8  1 Y 1 A GLN 75 ? A GLN 75 
9  1 Y 1 A PRO 76 ? A PRO 76 
10 1 Y 1 A ALA 77 ? A ALA 77 
11 1 Y 1 A GLU 78 ? A GLU 78 
12 1 Y 1 A PRO 79 ? A PRO 79 
13 1 Y 1 A GLY 80 ? A GLY 80 
14 1 Y 1 A ASN 81 ? A ASN 81 
15 1 Y 1 A ALA 82 ? A ALA 82 
# 
loop_
_chem_comp_atom.comp_id 
_chem_comp_atom.atom_id 
_chem_comp_atom.type_symbol 
_chem_comp_atom.pdbx_aromatic_flag 
_chem_comp_atom.pdbx_stereo_config 
_chem_comp_atom.pdbx_ordinal 
ALA N      N  N N 1   
ALA CA     C  N S 2   
ALA C      C  N N 3   
ALA O      O  N N 4   
ALA CB     C  N N 5   
ALA OXT    O  N N 6   
ALA H      H  N N 7   
ALA H2     H  N N 8   
ALA HA     H  N N 9   
ALA HB1    H  N N 10  
ALA HB2    H  N N 11  
ALA HB3    H  N N 12  
ALA HXT    H  N N 13  
ARG N      N  N N 14  
ARG CA     C  N S 15  
ARG C      C  N N 16  
ARG O      O  N N 17  
ARG CB     C  N N 18  
ARG CG     C  N N 19  
ARG CD     C  N N 20  
ARG NE     N  N N 21  
ARG CZ     C  N N 22  
ARG NH1    N  N N 23  
ARG NH2    N  N N 24  
ARG OXT    O  N N 25  
ARG H      H  N N 26  
ARG H2     H  N N 27  
ARG HA     H  N N 28  
ARG HB2    H  N N 29  
ARG HB3    H  N N 30  
ARG HG2    H  N N 31  
ARG HG3    H  N N 32  
ARG HD2    H  N N 33  
ARG HD3    H  N N 34  
ARG HE     H  N N 35  
ARG HH11   H  N N 36  
ARG HH12   H  N N 37  
ARG HH21   H  N N 38  
ARG HH22   H  N N 39  
ARG HXT    H  N N 40  
ASN N      N  N N 41  
ASN CA     C  N S 42  
ASN C      C  N N 43  
ASN O      O  N N 44  
ASN CB     C  N N 45  
ASN CG     C  N N 46  
ASN OD1    O  N N 47  
ASN ND2    N  N N 48  
ASN OXT    O  N N 49  
ASN H      H  N N 50  
ASN H2     H  N N 51  
ASN HA     H  N N 52  
ASN HB2    H  N N 53  
ASN HB3    H  N N 54  
ASN HD21   H  N N 55  
ASN HD22   H  N N 56  
ASN HXT    H  N N 57  
ASP N      N  N N 58  
ASP CA     C  N S 59  
ASP C      C  N N 60  
ASP O      O  N N 61  
ASP CB     C  N N 62  
ASP CG     C  N N 63  
ASP OD1    O  N N 64  
ASP OD2    O  N N 65  
ASP OXT    O  N N 66  
ASP H      H  N N 67  
ASP H2     H  N N 68  
ASP HA     H  N N 69  
ASP HB2    H  N N 70  
ASP HB3    H  N N 71  
ASP HD2    H  N N 72  
ASP HXT    H  N N 73  
GLN N      N  N N 74  
GLN CA     C  N S 75  
GLN C      C  N N 76  
GLN O      O  N N 77  
GLN CB     C  N N 78  
GLN CG     C  N N 79  
GLN CD     C  N N 80  
GLN OE1    O  N N 81  
GLN NE2    N  N N 82  
GLN OXT    O  N N 83  
GLN H      H  N N 84  
GLN H2     H  N N 85  
GLN HA     H  N N 86  
GLN HB2    H  N N 87  
GLN HB3    H  N N 88  
GLN HG2    H  N N 89  
GLN HG3    H  N N 90  
GLN HE21   H  N N 91  
GLN HE22   H  N N 92  
GLN HXT    H  N N 93  
GLU N      N  N N 94  
GLU CA     C  N S 95  
GLU C      C  N N 96  
GLU O      O  N N 97  
GLU CB     C  N N 98  
GLU CG     C  N N 99  
GLU CD     C  N N 100 
GLU OE1    O  N N 101 
GLU OE2    O  N N 102 
GLU OXT    O  N N 103 
GLU H      H  N N 104 
GLU H2     H  N N 105 
GLU HA     H  N N 106 
GLU HB2    H  N N 107 
GLU HB3    H  N N 108 
GLU HG2    H  N N 109 
GLU HG3    H  N N 110 
GLU HE2    H  N N 111 
GLU HXT    H  N N 112 
GLY N      N  N N 113 
GLY CA     C  N N 114 
GLY C      C  N N 115 
GLY O      O  N N 116 
GLY OXT    O  N N 117 
GLY H      H  N N 118 
GLY H2     H  N N 119 
GLY HA2    H  N N 120 
GLY HA3    H  N N 121 
GLY HXT    H  N N 122 
HIS N      N  N N 123 
HIS CA     C  N S 124 
HIS C      C  N N 125 
HIS O      O  N N 126 
HIS CB     C  N N 127 
HIS CG     C  Y N 128 
HIS ND1    N  Y N 129 
HIS CD2    C  Y N 130 
HIS CE1    C  Y N 131 
HIS NE2    N  Y N 132 
HIS OXT    O  N N 133 
HIS H      H  N N 134 
HIS H2     H  N N 135 
HIS HA     H  N N 136 
HIS HB2    H  N N 137 
HIS HB3    H  N N 138 
HIS HD1    H  N N 139 
HIS HD2    H  N N 140 
HIS HE1    H  N N 141 
HIS HE2    H  N N 142 
HIS HXT    H  N N 143 
HOH O      O  N N 144 
HOH H1     H  N N 145 
HOH H2     H  N N 146 
ILE N      N  N N 147 
ILE CA     C  N S 148 
ILE C      C  N N 149 
ILE O      O  N N 150 
ILE CB     C  N S 151 
ILE CG1    C  N N 152 
ILE CG2    C  N N 153 
ILE CD1    C  N N 154 
ILE OXT    O  N N 155 
ILE H      H  N N 156 
ILE H2     H  N N 157 
ILE HA     H  N N 158 
ILE HB     H  N N 159 
ILE HG12   H  N N 160 
ILE HG13   H  N N 161 
ILE HG21   H  N N 162 
ILE HG22   H  N N 163 
ILE HG23   H  N N 164 
ILE HD11   H  N N 165 
ILE HD12   H  N N 166 
ILE HD13   H  N N 167 
ILE HXT    H  N N 168 
LEU N      N  N N 169 
LEU CA     C  N S 170 
LEU C      C  N N 171 
LEU O      O  N N 172 
LEU CB     C  N N 173 
LEU CG     C  N N 174 
LEU CD1    C  N N 175 
LEU CD2    C  N N 176 
LEU OXT    O  N N 177 
LEU H      H  N N 178 
LEU H2     H  N N 179 
LEU HA     H  N N 180 
LEU HB2    H  N N 181 
LEU HB3    H  N N 182 
LEU HG     H  N N 183 
LEU HD11   H  N N 184 
LEU HD12   H  N N 185 
LEU HD13   H  N N 186 
LEU HD21   H  N N 187 
LEU HD22   H  N N 188 
LEU HD23   H  N N 189 
LEU HXT    H  N N 190 
LYS N      N  N N 191 
LYS CA     C  N S 192 
LYS C      C  N N 193 
LYS O      O  N N 194 
LYS CB     C  N N 195 
LYS CG     C  N N 196 
LYS CD     C  N N 197 
LYS CE     C  N N 198 
LYS NZ     N  N N 199 
LYS OXT    O  N N 200 
LYS H      H  N N 201 
LYS H2     H  N N 202 
LYS HA     H  N N 203 
LYS HB2    H  N N 204 
LYS HB3    H  N N 205 
LYS HG2    H  N N 206 
LYS HG3    H  N N 207 
LYS HD2    H  N N 208 
LYS HD3    H  N N 209 
LYS HE2    H  N N 210 
LYS HE3    H  N N 211 
LYS HZ1    H  N N 212 
LYS HZ2    H  N N 213 
LYS HZ3    H  N N 214 
LYS HXT    H  N N 215 
MET N      N  N N 216 
MET CA     C  N S 217 
MET C      C  N N 218 
MET O      O  N N 219 
MET CB     C  N N 220 
MET CG     C  N N 221 
MET SD     S  N N 222 
MET CE     C  N N 223 
MET OXT    O  N N 224 
MET H      H  N N 225 
MET H2     H  N N 226 
MET HA     H  N N 227 
MET HB2    H  N N 228 
MET HB3    H  N N 229 
MET HG2    H  N N 230 
MET HG3    H  N N 231 
MET HE1    H  N N 232 
MET HE2    H  N N 233 
MET HE3    H  N N 234 
MET HXT    H  N N 235 
MG  MG     MG N N 236 
PHE N      N  N N 237 
PHE CA     C  N S 238 
PHE C      C  N N 239 
PHE O      O  N N 240 
PHE CB     C  N N 241 
PHE CG     C  Y N 242 
PHE CD1    C  Y N 243 
PHE CD2    C  Y N 244 
PHE CE1    C  Y N 245 
PHE CE2    C  Y N 246 
PHE CZ     C  Y N 247 
PHE OXT    O  N N 248 
PHE H      H  N N 249 
PHE H2     H  N N 250 
PHE HA     H  N N 251 
PHE HB2    H  N N 252 
PHE HB3    H  N N 253 
PHE HD1    H  N N 254 
PHE HD2    H  N N 255 
PHE HE1    H  N N 256 
PHE HE2    H  N N 257 
PHE HZ     H  N N 258 
PHE HXT    H  N N 259 
PRO N      N  N N 260 
PRO CA     C  N S 261 
PRO C      C  N N 262 
PRO O      O  N N 263 
PRO CB     C  N N 264 
PRO CG     C  N N 265 
PRO CD     C  N N 266 
PRO OXT    O  N N 267 
PRO H      H  N N 268 
PRO HA     H  N N 269 
PRO HB2    H  N N 270 
PRO HB3    H  N N 271 
PRO HG2    H  N N 272 
PRO HG3    H  N N 273 
PRO HD2    H  N N 274 
PRO HD3    H  N N 275 
PRO HXT    H  N N 276 
SER N      N  N N 277 
SER CA     C  N S 278 
SER C      C  N N 279 
SER O      O  N N 280 
SER CB     C  N N 281 
SER OG     O  N N 282 
SER OXT    O  N N 283 
SER H      H  N N 284 
SER H2     H  N N 285 
SER HA     H  N N 286 
SER HB2    H  N N 287 
SER HB3    H  N N 288 
SER HG     H  N N 289 
SER HXT    H  N N 290 
SO4 S      S  N N 291 
SO4 O1     O  N N 292 
SO4 O2     O  N N 293 
SO4 O3     O  N N 294 
SO4 O4     O  N N 295 
THR N      N  N N 296 
THR CA     C  N S 297 
THR C      C  N N 298 
THR O      O  N N 299 
THR CB     C  N R 300 
THR OG1    O  N N 301 
THR CG2    C  N N 302 
THR OXT    O  N N 303 
THR H      H  N N 304 
THR H2     H  N N 305 
THR HA     H  N N 306 
THR HB     H  N N 307 
THR HG1    H  N N 308 
THR HG21   H  N N 309 
THR HG22   H  N N 310 
THR HG23   H  N N 311 
THR HXT    H  N N 312 
TYR N      N  N N 313 
TYR CA     C  N S 314 
TYR C      C  N N 315 
TYR O      O  N N 316 
TYR CB     C  N N 317 
TYR CG     C  Y N 318 
TYR CD1    C  Y N 319 
TYR CD2    C  Y N 320 
TYR CE1    C  Y N 321 
TYR CE2    C  Y N 322 
TYR CZ     C  Y N 323 
TYR OH     O  N N 324 
TYR OXT    O  N N 325 
TYR H      H  N N 326 
TYR H2     H  N N 327 
TYR HA     H  N N 328 
TYR HB2    H  N N 329 
TYR HB3    H  N N 330 
TYR HD1    H  N N 331 
TYR HD2    H  N N 332 
TYR HE1    H  N N 333 
TYR HE2    H  N N 334 
TYR HH     H  N N 335 
TYR HXT    H  N N 336 
U5P N1     N  N N 337 
U5P C2     C  N N 338 
U5P N3     N  N N 339 
U5P C4     C  N N 340 
U5P C5     C  N N 341 
U5P C6     C  N N 342 
U5P O2     O  N N 343 
U5P O4     O  N N 344 
U5P "C1'"  C  N R 345 
U5P "C2'"  C  N R 346 
U5P "O2'"  O  N N 347 
U5P "C3'"  C  N S 348 
U5P "C4'"  C  N R 349 
U5P "O3'"  O  N N 350 
U5P "O4'"  O  N N 351 
U5P "C5'"  C  N N 352 
U5P "O5'"  O  N N 353 
U5P P      P  N N 354 
U5P O1P    O  N N 355 
U5P O2P    O  N N 356 
U5P O3P    O  N N 357 
U5P HN3    H  N N 358 
U5P H5     H  N N 359 
U5P H6     H  N N 360 
U5P "H1'"  H  N N 361 
U5P "H2'"  H  N N 362 
U5P "HO2'" H  N N 363 
U5P "H3'"  H  N N 364 
U5P "H4'"  H  N N 365 
U5P "HO3'" H  N N 366 
U5P "H5'1" H  N N 367 
U5P "H5'2" H  N N 368 
U5P HOP2   H  N N 369 
U5P HOP3   H  N N 370 
VAL N      N  N N 371 
VAL CA     C  N S 372 
VAL C      C  N N 373 
VAL O      O  N N 374 
VAL CB     C  N N 375 
VAL CG1    C  N N 376 
VAL CG2    C  N N 377 
VAL OXT    O  N N 378 
VAL H      H  N N 379 
VAL H2     H  N N 380 
VAL HA     H  N N 381 
VAL HB     H  N N 382 
VAL HG11   H  N N 383 
VAL HG12   H  N N 384 
VAL HG13   H  N N 385 
VAL HG21   H  N N 386 
VAL HG22   H  N N 387 
VAL HG23   H  N N 388 
VAL HXT    H  N N 389 
# 
loop_
_chem_comp_bond.comp_id 
_chem_comp_bond.atom_id_1 
_chem_comp_bond.atom_id_2 
_chem_comp_bond.value_order 
_chem_comp_bond.pdbx_aromatic_flag 
_chem_comp_bond.pdbx_stereo_config 
_chem_comp_bond.pdbx_ordinal 
ALA N     CA     sing N N 1   
ALA N     H      sing N N 2   
ALA N     H2     sing N N 3   
ALA CA    C      sing N N 4   
ALA CA    CB     sing N N 5   
ALA CA    HA     sing N N 6   
ALA C     O      doub N N 7   
ALA C     OXT    sing N N 8   
ALA CB    HB1    sing N N 9   
ALA CB    HB2    sing N N 10  
ALA CB    HB3    sing N N 11  
ALA OXT   HXT    sing N N 12  
ARG N     CA     sing N N 13  
ARG N     H      sing N N 14  
ARG N     H2     sing N N 15  
ARG CA    C      sing N N 16  
ARG CA    CB     sing N N 17  
ARG CA    HA     sing N N 18  
ARG C     O      doub N N 19  
ARG C     OXT    sing N N 20  
ARG CB    CG     sing N N 21  
ARG CB    HB2    sing N N 22  
ARG CB    HB3    sing N N 23  
ARG CG    CD     sing N N 24  
ARG CG    HG2    sing N N 25  
ARG CG    HG3    sing N N 26  
ARG CD    NE     sing N N 27  
ARG CD    HD2    sing N N 28  
ARG CD    HD3    sing N N 29  
ARG NE    CZ     sing N N 30  
ARG NE    HE     sing N N 31  
ARG CZ    NH1    sing N N 32  
ARG CZ    NH2    doub N N 33  
ARG NH1   HH11   sing N N 34  
ARG NH1   HH12   sing N N 35  
ARG NH2   HH21   sing N N 36  
ARG NH2   HH22   sing N N 37  
ARG OXT   HXT    sing N N 38  
ASN N     CA     sing N N 39  
ASN N     H      sing N N 40  
ASN N     H2     sing N N 41  
ASN CA    C      sing N N 42  
ASN CA    CB     sing N N 43  
ASN CA    HA     sing N N 44  
ASN C     O      doub N N 45  
ASN C     OXT    sing N N 46  
ASN CB    CG     sing N N 47  
ASN CB    HB2    sing N N 48  
ASN CB    HB3    sing N N 49  
ASN CG    OD1    doub N N 50  
ASN CG    ND2    sing N N 51  
ASN ND2   HD21   sing N N 52  
ASN ND2   HD22   sing N N 53  
ASN OXT   HXT    sing N N 54  
ASP N     CA     sing N N 55  
ASP N     H      sing N N 56  
ASP N     H2     sing N N 57  
ASP CA    C      sing N N 58  
ASP CA    CB     sing N N 59  
ASP CA    HA     sing N N 60  
ASP C     O      doub N N 61  
ASP C     OXT    sing N N 62  
ASP CB    CG     sing N N 63  
ASP CB    HB2    sing N N 64  
ASP CB    HB3    sing N N 65  
ASP CG    OD1    doub N N 66  
ASP CG    OD2    sing N N 67  
ASP OD2   HD2    sing N N 68  
ASP OXT   HXT    sing N N 69  
GLN N     CA     sing N N 70  
GLN N     H      sing N N 71  
GLN N     H2     sing N N 72  
GLN CA    C      sing N N 73  
GLN CA    CB     sing N N 74  
GLN CA    HA     sing N N 75  
GLN C     O      doub N N 76  
GLN C     OXT    sing N N 77  
GLN CB    CG     sing N N 78  
GLN CB    HB2    sing N N 79  
GLN CB    HB3    sing N N 80  
GLN CG    CD     sing N N 81  
GLN CG    HG2    sing N N 82  
GLN CG    HG3    sing N N 83  
GLN CD    OE1    doub N N 84  
GLN CD    NE2    sing N N 85  
GLN NE2   HE21   sing N N 86  
GLN NE2   HE22   sing N N 87  
GLN OXT   HXT    sing N N 88  
GLU N     CA     sing N N 89  
GLU N     H      sing N N 90  
GLU N     H2     sing N N 91  
GLU CA    C      sing N N 92  
GLU CA    CB     sing N N 93  
GLU CA    HA     sing N N 94  
GLU C     O      doub N N 95  
GLU C     OXT    sing N N 96  
GLU CB    CG     sing N N 97  
GLU CB    HB2    sing N N 98  
GLU CB    HB3    sing N N 99  
GLU CG    CD     sing N N 100 
GLU CG    HG2    sing N N 101 
GLU CG    HG3    sing N N 102 
GLU CD    OE1    doub N N 103 
GLU CD    OE2    sing N N 104 
GLU OE2   HE2    sing N N 105 
GLU OXT   HXT    sing N N 106 
GLY N     CA     sing N N 107 
GLY N     H      sing N N 108 
GLY N     H2     sing N N 109 
GLY CA    C      sing N N 110 
GLY CA    HA2    sing N N 111 
GLY CA    HA3    sing N N 112 
GLY C     O      doub N N 113 
GLY C     OXT    sing N N 114 
GLY OXT   HXT    sing N N 115 
HIS N     CA     sing N N 116 
HIS N     H      sing N N 117 
HIS N     H2     sing N N 118 
HIS CA    C      sing N N 119 
HIS CA    CB     sing N N 120 
HIS CA    HA     sing N N 121 
HIS C     O      doub N N 122 
HIS C     OXT    sing N N 123 
HIS CB    CG     sing N N 124 
HIS CB    HB2    sing N N 125 
HIS CB    HB3    sing N N 126 
HIS CG    ND1    sing Y N 127 
HIS CG    CD2    doub Y N 128 
HIS ND1   CE1    doub Y N 129 
HIS ND1   HD1    sing N N 130 
HIS CD2   NE2    sing Y N 131 
HIS CD2   HD2    sing N N 132 
HIS CE1   NE2    sing Y N 133 
HIS CE1   HE1    sing N N 134 
HIS NE2   HE2    sing N N 135 
HIS OXT   HXT    sing N N 136 
HOH O     H1     sing N N 137 
HOH O     H2     sing N N 138 
ILE N     CA     sing N N 139 
ILE N     H      sing N N 140 
ILE N     H2     sing N N 141 
ILE CA    C      sing N N 142 
ILE CA    CB     sing N N 143 
ILE CA    HA     sing N N 144 
ILE C     O      doub N N 145 
ILE C     OXT    sing N N 146 
ILE CB    CG1    sing N N 147 
ILE CB    CG2    sing N N 148 
ILE CB    HB     sing N N 149 
ILE CG1   CD1    sing N N 150 
ILE CG1   HG12   sing N N 151 
ILE CG1   HG13   sing N N 152 
ILE CG2   HG21   sing N N 153 
ILE CG2   HG22   sing N N 154 
ILE CG2   HG23   sing N N 155 
ILE CD1   HD11   sing N N 156 
ILE CD1   HD12   sing N N 157 
ILE CD1   HD13   sing N N 158 
ILE OXT   HXT    sing N N 159 
LEU N     CA     sing N N 160 
LEU N     H      sing N N 161 
LEU N     H2     sing N N 162 
LEU CA    C      sing N N 163 
LEU CA    CB     sing N N 164 
LEU CA    HA     sing N N 165 
LEU C     O      doub N N 166 
LEU C     OXT    sing N N 167 
LEU CB    CG     sing N N 168 
LEU CB    HB2    sing N N 169 
LEU CB    HB3    sing N N 170 
LEU CG    CD1    sing N N 171 
LEU CG    CD2    sing N N 172 
LEU CG    HG     sing N N 173 
LEU CD1   HD11   sing N N 174 
LEU CD1   HD12   sing N N 175 
LEU CD1   HD13   sing N N 176 
LEU CD2   HD21   sing N N 177 
LEU CD2   HD22   sing N N 178 
LEU CD2   HD23   sing N N 179 
LEU OXT   HXT    sing N N 180 
LYS N     CA     sing N N 181 
LYS N     H      sing N N 182 
LYS N     H2     sing N N 183 
LYS CA    C      sing N N 184 
LYS CA    CB     sing N N 185 
LYS CA    HA     sing N N 186 
LYS C     O      doub N N 187 
LYS C     OXT    sing N N 188 
LYS CB    CG     sing N N 189 
LYS CB    HB2    sing N N 190 
LYS CB    HB3    sing N N 191 
LYS CG    CD     sing N N 192 
LYS CG    HG2    sing N N 193 
LYS CG    HG3    sing N N 194 
LYS CD    CE     sing N N 195 
LYS CD    HD2    sing N N 196 
LYS CD    HD3    sing N N 197 
LYS CE    NZ     sing N N 198 
LYS CE    HE2    sing N N 199 
LYS CE    HE3    sing N N 200 
LYS NZ    HZ1    sing N N 201 
LYS NZ    HZ2    sing N N 202 
LYS NZ    HZ3    sing N N 203 
LYS OXT   HXT    sing N N 204 
MET N     CA     sing N N 205 
MET N     H      sing N N 206 
MET N     H2     sing N N 207 
MET CA    C      sing N N 208 
MET CA    CB     sing N N 209 
MET CA    HA     sing N N 210 
MET C     O      doub N N 211 
MET C     OXT    sing N N 212 
MET CB    CG     sing N N 213 
MET CB    HB2    sing N N 214 
MET CB    HB3    sing N N 215 
MET CG    SD     sing N N 216 
MET CG    HG2    sing N N 217 
MET CG    HG3    sing N N 218 
MET SD    CE     sing N N 219 
MET CE    HE1    sing N N 220 
MET CE    HE2    sing N N 221 
MET CE    HE3    sing N N 222 
MET OXT   HXT    sing N N 223 
PHE N     CA     sing N N 224 
PHE N     H      sing N N 225 
PHE N     H2     sing N N 226 
PHE CA    C      sing N N 227 
PHE CA    CB     sing N N 228 
PHE CA    HA     sing N N 229 
PHE C     O      doub N N 230 
PHE C     OXT    sing N N 231 
PHE CB    CG     sing N N 232 
PHE CB    HB2    sing N N 233 
PHE CB    HB3    sing N N 234 
PHE CG    CD1    doub Y N 235 
PHE CG    CD2    sing Y N 236 
PHE CD1   CE1    sing Y N 237 
PHE CD1   HD1    sing N N 238 
PHE CD2   CE2    doub Y N 239 
PHE CD2   HD2    sing N N 240 
PHE CE1   CZ     doub Y N 241 
PHE CE1   HE1    sing N N 242 
PHE CE2   CZ     sing Y N 243 
PHE CE2   HE2    sing N N 244 
PHE CZ    HZ     sing N N 245 
PHE OXT   HXT    sing N N 246 
PRO N     CA     sing N N 247 
PRO N     CD     sing N N 248 
PRO N     H      sing N N 249 
PRO CA    C      sing N N 250 
PRO CA    CB     sing N N 251 
PRO CA    HA     sing N N 252 
PRO C     O      doub N N 253 
PRO C     OXT    sing N N 254 
PRO CB    CG     sing N N 255 
PRO CB    HB2    sing N N 256 
PRO CB    HB3    sing N N 257 
PRO CG    CD     sing N N 258 
PRO CG    HG2    sing N N 259 
PRO CG    HG3    sing N N 260 
PRO CD    HD2    sing N N 261 
PRO CD    HD3    sing N N 262 
PRO OXT   HXT    sing N N 263 
SER N     CA     sing N N 264 
SER N     H      sing N N 265 
SER N     H2     sing N N 266 
SER CA    C      sing N N 267 
SER CA    CB     sing N N 268 
SER CA    HA     sing N N 269 
SER C     O      doub N N 270 
SER C     OXT    sing N N 271 
SER CB    OG     sing N N 272 
SER CB    HB2    sing N N 273 
SER CB    HB3    sing N N 274 
SER OG    HG     sing N N 275 
SER OXT   HXT    sing N N 276 
SO4 S     O1     doub N N 277 
SO4 S     O2     doub N N 278 
SO4 S     O3     sing N N 279 
SO4 S     O4     sing N N 280 
THR N     CA     sing N N 281 
THR N     H      sing N N 282 
THR N     H2     sing N N 283 
THR CA    C      sing N N 284 
THR CA    CB     sing N N 285 
THR CA    HA     sing N N 286 
THR C     O      doub N N 287 
THR C     OXT    sing N N 288 
THR CB    OG1    sing N N 289 
THR CB    CG2    sing N N 290 
THR CB    HB     sing N N 291 
THR OG1   HG1    sing N N 292 
THR CG2   HG21   sing N N 293 
THR CG2   HG22   sing N N 294 
THR CG2   HG23   sing N N 295 
THR OXT   HXT    sing N N 296 
TYR N     CA     sing N N 297 
TYR N     H      sing N N 298 
TYR N     H2     sing N N 299 
TYR CA    C      sing N N 300 
TYR CA    CB     sing N N 301 
TYR CA    HA     sing N N 302 
TYR C     O      doub N N 303 
TYR C     OXT    sing N N 304 
TYR CB    CG     sing N N 305 
TYR CB    HB2    sing N N 306 
TYR CB    HB3    sing N N 307 
TYR CG    CD1    doub Y N 308 
TYR CG    CD2    sing Y N 309 
TYR CD1   CE1    sing Y N 310 
TYR CD1   HD1    sing N N 311 
TYR CD2   CE2    doub Y N 312 
TYR CD2   HD2    sing N N 313 
TYR CE1   CZ     doub Y N 314 
TYR CE1   HE1    sing N N 315 
TYR CE2   CZ     sing Y N 316 
TYR CE2   HE2    sing N N 317 
TYR CZ    OH     sing N N 318 
TYR OH    HH     sing N N 319 
TYR OXT   HXT    sing N N 320 
U5P N1    C2     sing N N 321 
U5P N1    C6     sing N N 322 
U5P N1    "C1'"  sing N N 323 
U5P C2    N3     sing N N 324 
U5P C2    O2     doub N N 325 
U5P N3    C4     sing N N 326 
U5P N3    HN3    sing N N 327 
U5P C4    C5     sing N N 328 
U5P C4    O4     doub N N 329 
U5P C5    C6     doub N N 330 
U5P C5    H5     sing N N 331 
U5P C6    H6     sing N N 332 
U5P "C1'" "C2'"  sing N N 333 
U5P "C1'" "O4'"  sing N N 334 
U5P "C1'" "H1'"  sing N N 335 
U5P "C2'" "O2'"  sing N N 336 
U5P "C2'" "C3'"  sing N N 337 
U5P "C2'" "H2'"  sing N N 338 
U5P "O2'" "HO2'" sing N N 339 
U5P "C3'" "C4'"  sing N N 340 
U5P "C3'" "O3'"  sing N N 341 
U5P "C3'" "H3'"  sing N N 342 
U5P "C4'" "O4'"  sing N N 343 
U5P "C4'" "C5'"  sing N N 344 
U5P "C4'" "H4'"  sing N N 345 
U5P "O3'" "HO3'" sing N N 346 
U5P "C5'" "O5'"  sing N N 347 
U5P "C5'" "H5'1" sing N N 348 
U5P "C5'" "H5'2" sing N N 349 
U5P "O5'" P      sing N N 350 
U5P P     O1P    doub N N 351 
U5P P     O2P    sing N N 352 
U5P P     O3P    sing N N 353 
U5P O2P   HOP2   sing N N 354 
U5P O3P   HOP3   sing N N 355 
VAL N     CA     sing N N 356 
VAL N     H      sing N N 357 
VAL N     H2     sing N N 358 
VAL CA    C      sing N N 359 
VAL CA    CB     sing N N 360 
VAL CA    HA     sing N N 361 
VAL C     O      doub N N 362 
VAL C     OXT    sing N N 363 
VAL CB    CG1    sing N N 364 
VAL CB    CG2    sing N N 365 
VAL CB    HB     sing N N 366 
VAL CG1   HG11   sing N N 367 
VAL CG1   HG12   sing N N 368 
VAL CG1   HG13   sing N N 369 
VAL CG2   HG21   sing N N 370 
VAL CG2   HG22   sing N N 371 
VAL CG2   HG23   sing N N 372 
VAL OXT   HXT    sing N N 373 
# 
_pdbx_initial_refinement_model.id               1 
_pdbx_initial_refinement_model.entity_id_list   ? 
_pdbx_initial_refinement_model.type             'experimental model' 
_pdbx_initial_refinement_model.source_name      PDB 
_pdbx_initial_refinement_model.accession_code   1U1S 
_pdbx_initial_refinement_model.details          'PDB ENTRY 1U1S' 
# 
_atom_sites.entry_id                    4MML 
_atom_sites.fract_transf_matrix[1][1]   -0.00291410 
_atom_sites.fract_transf_matrix[1][2]   -0.01232576 
_atom_sites.fract_transf_matrix[1][3]   0.01215080 
_atom_sites.fract_transf_matrix[2][1]   -0.00379169 
_atom_sites.fract_transf_matrix[2][2]   0.00465744 
_atom_sites.fract_transf_matrix[2][3]   0.01649148 
_atom_sites.fract_transf_matrix[3][1]   -0.03462773 
_atom_sites.fract_transf_matrix[3][2]   0.00026460 
_atom_sites.fract_transf_matrix[3][3]   -0.00803628 
_atom_sites.fract_transf_vector[1]      -0.238711 
_atom_sites.fract_transf_vector[2]      0.086347 
_atom_sites.fract_transf_vector[3]      0.035191 
# 
loop_
_atom_type.symbol 
C  
MG 
N  
O  
P  
S  
# 
loop_
_atom_site.group_PDB 
_atom_site.id 
_atom_site.type_symbol 
_atom_site.label_atom_id 
_atom_site.label_alt_id 
_atom_site.label_comp_id 
_atom_site.label_asym_id 
_atom_site.label_entity_id 
_atom_site.label_seq_id 
_atom_site.pdbx_PDB_ins_code 
_atom_site.Cartn_x 
_atom_site.Cartn_y 
_atom_site.Cartn_z 
_atom_site.occupancy 
_atom_site.B_iso_or_equiv 
_atom_site.pdbx_formal_charge 
_atom_site.auth_seq_id 
_atom_site.auth_comp_id 
_atom_site.auth_asym_id 
_atom_site.auth_atom_id 
_atom_site.pdbx_PDB_model_num 
ATOM   1   N  N     . GLY A 1 4  ? 18.995  -5.862  -2.569  1.00 32.62 ? 4   GLY A N     1 
ATOM   2   C  CA    . GLY A 1 4  ? 19.183  -4.835  -3.573  1.00 34.04 ? 4   GLY A CA    1 
ATOM   3   C  C     . GLY A 1 4  ? 18.090  -4.921  -4.611  1.00 40.62 ? 4   GLY A C     1 
ATOM   4   O  O     . GLY A 1 4  ? 17.043  -5.514  -4.333  1.00 42.20 ? 4   GLY A O     1 
ATOM   5   N  N     . HIS A 1 5  ? 18.348  -4.340  -5.789  1.00 43.82 ? 5   HIS A N     1 
ATOM   6   C  CA    . HIS A 1 5  ? 17.420  -4.279  -6.932  1.00 43.41 ? 5   HIS A CA    1 
ATOM   7   C  C     . HIS A 1 5  ? 15.950  -4.430  -6.559  1.00 43.16 ? 5   HIS A C     1 
ATOM   8   O  O     . HIS A 1 5  ? 15.266  -5.319  -7.056  1.00 42.01 ? 5   HIS A O     1 
ATOM   9   C  CB    . HIS A 1 5  ? 17.799  -5.347  -7.975  1.00 43.38 ? 5   HIS A CB    1 
ATOM   10  C  CG    . HIS A 1 5  ? 18.403  -4.780  -9.227  1.00 45.37 ? 5   HIS A CG    1 
ATOM   11  N  ND1   . HIS A 1 5  ? 17.637  -4.256  -10.242 1.00 50.21 ? 5   HIS A ND1   1 
ATOM   12  C  CD2   . HIS A 1 5  ? 19.694  -4.646  -9.616  1.00 41.53 ? 5   HIS A CD2   1 
ATOM   13  C  CE1   . HIS A 1 5  ? 18.429  -3.818  -11.209 1.00 51.36 ? 5   HIS A CE1   1 
ATOM   14  N  NE2   . HIS A 1 5  ? 19.679  -4.044  -10.853 1.00 48.41 ? 5   HIS A NE2   1 
ATOM   15  N  N     . SER A 1 6  ? 15.484  -3.558  -5.672  1.00 40.40 ? 6   SER A N     1 
ATOM   16  C  CA    . SER A 1 6  ? 14.132  -3.650  -5.159  1.00 36.38 ? 6   SER A CA    1 
ATOM   17  C  C     . SER A 1 6  ? 13.263  -2.640  -5.909  1.00 32.88 ? 6   SER A C     1 
ATOM   18  O  O     . SER A 1 6  ? 13.736  -1.585  -6.336  1.00 35.47 ? 6   SER A O     1 
ATOM   19  C  CB    . SER A 1 6  ? 14.103  -3.409  -3.642  1.00 35.93 ? 6   SER A CB    1 
ATOM   20  O  OG    . SER A 1 6  ? 12.770  -3.415  -3.163  1.00 31.56 ? 6   SER A OG    1 
ATOM   21  N  N     . LEU A 1 7  ? 12.000  -3.003  -6.104  1.00 30.72 ? 7   LEU A N     1 
ATOM   22  C  CA    . LEU A 1 7  ? 11.016  -2.144  -6.749  1.00 27.02 ? 7   LEU A CA    1 
ATOM   23  C  C     . LEU A 1 7  ? 9.855   -1.883  -5.789  1.00 25.00 ? 7   LEU A C     1 
ATOM   24  O  O     . LEU A 1 7  ? 9.246   -0.810  -5.796  1.00 26.05 ? 7   LEU A O     1 
ATOM   25  C  CB    . LEU A 1 7  ? 10.529  -2.789  -8.053  1.00 25.30 ? 7   LEU A CB    1 
ATOM   26  C  CG    . LEU A 1 7  ? 9.148   -2.487  -8.654  1.00 29.83 ? 7   LEU A CG    1 
ATOM   27  C  CD1   . LEU A 1 7  ? 9.042   -1.078  -9.213  1.00 31.01 ? 7   LEU A CD1   1 
ATOM   28  C  CD2   . LEU A 1 7  ? 8.802   -3.502  -9.743  1.00 27.21 ? 7   LEU A CD2   1 
ATOM   29  N  N     . GLN A 1 8  ? 9.567   -2.860  -4.943  1.00 22.47 ? 8   GLN A N     1 
ATOM   30  C  CA    . GLN A 1 8  ? 8.487   -2.736  -3.973  1.00 23.30 ? 8   GLN A CA    1 
ATOM   31  C  C     . GLN A 1 8  ? 8.703   -1.611  -2.948  1.00 26.23 ? 8   GLN A C     1 
ATOM   32  O  O     . GLN A 1 8  ? 7.763   -0.874  -2.610  1.00 23.42 ? 8   GLN A O     1 
ATOM   33  C  CB    . GLN A 1 8  ? 8.301   -4.061  -3.248  1.00 22.61 ? 8   GLN A CB    1 
ATOM   34  C  CG    . GLN A 1 8  ? 7.275   -4.013  -2.157  1.00 21.47 ? 8   GLN A CG    1 
ATOM   35  C  CD    . GLN A 1 8  ? 7.046   -5.376  -1.526  1.00 21.05 ? 8   GLN A CD    1 
ATOM   36  O  OE1   . GLN A 1 8  ? 6.141   -5.553  -0.712  1.00 19.10 ? 8   GLN A OE1   1 
ATOM   37  N  NE2   . GLN A 1 8  ? 7.862   -6.347  -1.910  1.00 21.16 ? 8   GLN A NE2   1 
ATOM   38  N  N     . ASP A 1 9  ? 9.931   -1.488  -2.448  1.00 24.27 ? 9   ASP A N     1 
ATOM   39  C  CA    . ASP A 1 9  ? 10.263  -0.449  -1.478  1.00 24.34 ? 9   ASP A CA    1 
ATOM   40  C  C     . ASP A 1 9  ? 10.151  0.930   -2.093  1.00 24.64 ? 9   ASP A C     1 
ATOM   41  O  O     . ASP A 1 9  ? 9.450   1.773   -1.550  1.00 24.94 ? 9   ASP A O     1 
ATOM   42  C  CB    . ASP A 1 9  ? 11.666  -0.661  -0.917  1.00 27.82 ? 9   ASP A CB    1 
ATOM   43  C  CG    . ASP A 1 9  ? 11.740  -1.847  -0.016  1.00 36.79 ? 9   ASP A CG    1 
ATOM   44  O  OD1   . ASP A 1 9  ? 10.669  -2.294  0.445   1.00 33.94 ? 9   ASP A OD1   1 
ATOM   45  O  OD2   . ASP A 1 9  ? 12.856  -2.373  0.181   1.00 42.96 ? 9   ASP A OD2   1 
ATOM   46  N  N     . PRO A 1 10 ? 10.838  1.170   -3.222  1.00 23.46 ? 10  PRO A N     1 
ATOM   47  C  CA    . PRO A 1 10 ? 10.648  2.480   -3.842  1.00 22.42 ? 10  PRO A CA    1 
ATOM   48  C  C     . PRO A 1 10 ? 9.181   2.816   -4.128  1.00 24.13 ? 10  PRO A C     1 
ATOM   49  O  O     . PRO A 1 10 ? 8.774   3.953   -3.901  1.00 24.32 ? 10  PRO A O     1 
ATOM   50  C  CB    . PRO A 1 10 ? 11.441  2.355   -5.140  1.00 24.97 ? 10  PRO A CB    1 
ATOM   51  C  CG    . PRO A 1 10 ? 12.494  1.361   -4.829  1.00 24.57 ? 10  PRO A CG    1 
ATOM   52  C  CD    . PRO A 1 10 ? 11.824  0.365   -3.969  1.00 25.23 ? 10  PRO A CD    1 
ATOM   53  N  N     . TYR A 1 11 ? 8.403   1.848   -4.598  1.00 21.48 ? 11  TYR A N     1 
ATOM   54  C  CA    . TYR A 1 11 ? 6.999   2.085   -4.919  1.00 22.31 ? 11  TYR A CA    1 
ATOM   55  C  C     . TYR A 1 11 ? 6.184   2.504   -3.701  1.00 22.82 ? 11  TYR A C     1 
ATOM   56  O  O     . TYR A 1 11 ? 5.541   3.554   -3.696  1.00 22.98 ? 11  TYR A O     1 
ATOM   57  C  CB    . TYR A 1 11 ? 6.390   0.834   -5.536  1.00 21.84 ? 11  TYR A CB    1 
ATOM   58  C  CG    . TYR A 1 11 ? 5.026   1.026   -6.153  1.00 23.68 ? 11  TYR A CG    1 
ATOM   59  C  CD1   . TYR A 1 11 ? 4.883   1.619   -7.399  1.00 25.44 ? 11  TYR A CD1   1 
ATOM   60  C  CD2   . TYR A 1 11 ? 3.886   0.584   -5.506  1.00 24.55 ? 11  TYR A CD2   1 
ATOM   61  C  CE1   . TYR A 1 11 ? 3.647   1.781   -7.967  1.00 24.98 ? 11  TYR A CE1   1 
ATOM   62  C  CE2   . TYR A 1 11 ? 2.647   0.738   -6.069  1.00 23.70 ? 11  TYR A CE2   1 
ATOM   63  C  CZ    . TYR A 1 11 ? 2.536   1.330   -7.296  1.00 23.69 ? 11  TYR A CZ    1 
ATOM   64  O  OH    . TYR A 1 11 ? 1.299   1.481   -7.861  1.00 29.57 ? 11  TYR A OH    1 
ATOM   65  N  N     . LEU A 1 12 ? 6.205   1.675   -2.669  1.00 20.40 ? 12  LEU A N     1 
ATOM   66  C  CA    . LEU A 1 12 ? 5.436   1.954   -1.467  1.00 22.39 ? 12  LEU A CA    1 
ATOM   67  C  C     . LEU A 1 12 ? 5.896   3.220   -0.751  1.00 21.50 ? 12  LEU A C     1 
ATOM   68  O  O     . LEU A 1 12 ? 5.092   3.927   -0.164  1.00 21.69 ? 12  LEU A O     1 
ATOM   69  C  CB    . LEU A 1 12 ? 5.507   0.763   -0.518  1.00 19.32 ? 12  LEU A CB    1 
ATOM   70  C  CG    . LEU A 1 12 ? 4.890   -0.503  -1.108  1.00 18.45 ? 12  LEU A CG    1 
ATOM   71  C  CD1   . LEU A 1 12 ? 5.008   -1.622  -0.104  1.00 21.79 ? 12  LEU A CD1   1 
ATOM   72  C  CD2   . LEU A 1 12 ? 3.434   -0.276  -1.481  1.00 18.89 ? 12  LEU A CD2   1 
ATOM   73  N  N     . ASN A 1 13 ? 7.193   3.501   -0.801  1.00 22.30 ? 13  ASN A N     1 
ATOM   74  C  CA    . ASN A 1 13 ? 7.752   4.673   -0.136  1.00 23.42 ? 13  ASN A CA    1 
ATOM   75  C  C     . ASN A 1 13 ? 7.315   5.992   -0.778  1.00 26.20 ? 13  ASN A C     1 
ATOM   76  O  O     . ASN A 1 13 ? 7.168   7.015   -0.103  1.00 26.50 ? 13  ASN A O     1 
ATOM   77  C  CB    . ASN A 1 13 ? 9.274   4.591   -0.137  1.00 26.50 ? 13  ASN A CB    1 
ATOM   78  C  CG    . ASN A 1 13 ? 9.893   5.379   0.983   1.00 31.74 ? 13  ASN A CG    1 
ATOM   79  O  OD1   . ASN A 1 13 ? 9.503   5.238   2.144   1.00 32.13 ? 13  ASN A OD1   1 
ATOM   80  N  ND2   . ASN A 1 13 ? 10.854  6.231   0.645   1.00 34.63 ? 13  ASN A ND2   1 
ATOM   81  N  N     . THR A 1 14 ? 7.123   5.949   -2.090  1.00 24.98 ? 14  THR A N     1 
ATOM   82  C  CA    . THR A 1 14 ? 6.607   7.071   -2.856  1.00 25.32 ? 14  THR A CA    1 
ATOM   83  C  C     . THR A 1 14 ? 5.149   7.356   -2.499  1.00 26.80 ? 14  THR A C     1 
ATOM   84  O  O     . THR A 1 14 ? 4.776   8.494   -2.201  1.00 25.08 ? 14  THR A O     1 
ATOM   85  C  CB    . THR A 1 14 ? 6.737   6.790   -4.350  1.00 25.23 ? 14  THR A CB    1 
ATOM   86  O  OG1   . THR A 1 14 ? 8.129   6.715   -4.695  1.00 28.35 ? 14  THR A OG1   1 
ATOM   87  C  CG2   . THR A 1 14 ? 6.063   7.876   -5.157  1.00 29.32 ? 14  THR A CG2   1 
ATOM   88  N  N     . LEU A 1 15 ? 4.339   6.302   -2.512  1.00 24.64 ? 15  LEU A N     1 
ATOM   89  C  CA    . LEU A 1 15 ? 2.935   6.387   -2.129  1.00 24.63 ? 15  LEU A CA    1 
ATOM   90  C  C     . LEU A 1 15 ? 2.761   6.919   -0.718  1.00 24.65 ? 15  LEU A C     1 
ATOM   91  O  O     . LEU A 1 15 ? 1.836   7.682   -0.445  1.00 26.10 ? 15  LEU A O     1 
ATOM   92  C  CB    . LEU A 1 15 ? 2.276   5.019   -2.241  1.00 23.26 ? 15  LEU A CB    1 
ATOM   93  C  CG    . LEU A 1 15 ? 2.260   4.399   -3.635  1.00 24.42 ? 15  LEU A CG    1 
ATOM   94  C  CD1   . LEU A 1 15 ? 1.742   2.960   -3.552  1.00 24.60 ? 15  LEU A CD1   1 
ATOM   95  C  CD2   . LEU A 1 15 ? 1.406   5.248   -4.566  1.00 25.15 ? 15  LEU A CD2   1 
ATOM   96  N  N     . ARG A 1 16 ? 3.652   6.495   0.175   1.00 24.33 ? 16  ARG A N     1 
ATOM   97  C  CA    . ARG A 1 16 ? 3.657   6.976   1.551   1.00 24.16 ? 16  ARG A CA    1 
ATOM   98  C  C     . ARG A 1 16 ? 4.064   8.457   1.624   1.00 29.73 ? 16  ARG A C     1 
ATOM   99  O  O     . ARG A 1 16 ? 3.366   9.279   2.237   1.00 30.11 ? 16  ARG A O     1 
ATOM   100 C  CB    . ARG A 1 16 ? 4.594   6.131   2.406   1.00 21.74 ? 16  ARG A CB    1 
ATOM   101 C  CG    . ARG A 1 16 ? 4.648   6.568   3.843   1.00 23.30 ? 16  ARG A CG    1 
ATOM   102 C  CD    . ARG A 1 16 ? 5.726   5.843   4.590   1.00 24.98 ? 16  ARG A CD    1 
ATOM   103 N  NE    . ARG A 1 16 ? 7.043   6.168   4.069   1.00 24.05 ? 16  ARG A NE    1 
ATOM   104 C  CZ    . ARG A 1 16 ? 7.721   7.260   4.389   1.00 25.90 ? 16  ARG A CZ    1 
ATOM   105 N  NH1   . ARG A 1 16 ? 7.203   8.135   5.234   1.00 28.92 ? 16  ARG A NH1   1 
ATOM   106 N  NH2   . ARG A 1 16 ? 8.919   7.478   3.864   1.00 29.87 ? 16  ARG A NH2   1 
ATOM   107 N  N     . LYS A 1 17 ? 5.190   8.795   0.992   1.00 28.97 ? 17  LYS A N     1 
ATOM   108 C  CA    . LYS A 1 17 ? 5.712   10.166  1.029   1.00 29.91 ? 17  LYS A CA    1 
ATOM   109 C  C     . LYS A 1 17 ? 4.750   11.182  0.428   1.00 28.16 ? 17  LYS A C     1 
ATOM   110 O  O     . LYS A 1 17 ? 4.584   12.278  0.953   1.00 29.76 ? 17  LYS A O     1 
ATOM   111 C  CB    . LYS A 1 17 ? 7.066   10.255  0.308   1.00 31.25 ? 17  LYS A CB    1 
ATOM   112 C  CG    . LYS A 1 17 ? 8.254   9.816   1.171   1.00 34.42 ? 17  LYS A CG    1 
ATOM   113 C  CD    . LYS A 1 17 ? 9.601   10.119  0.522   1.00 33.03 ? 17  LYS A CD    1 
ATOM   114 C  CE    . LYS A 1 17 ? 10.750  9.783   1.464   1.00 38.99 ? 17  LYS A CE    1 
ATOM   115 N  NZ    . LYS A 1 17 ? 12.074  9.988   0.811   1.00 40.07 ? 17  LYS A NZ    1 
ATOM   116 N  N     . GLU A 1 18 ? 4.116   10.814  -0.675  1.00 29.33 ? 18  GLU A N     1 
ATOM   117 C  CA    . GLU A 1 18 ? 3.246   11.743  -1.378  1.00 29.43 ? 18  GLU A CA    1 
ATOM   118 C  C     . GLU A 1 18 ? 1.796   11.612  -0.932  1.00 29.00 ? 18  GLU A C     1 
ATOM   119 O  O     . GLU A 1 18 ? 0.908   12.253  -1.490  1.00 28.60 ? 18  GLU A O     1 
ATOM   120 C  CB    . GLU A 1 18 ? 3.382   11.533  -2.882  1.00 30.09 ? 18  GLU A CB    1 
ATOM   121 C  CG    . GLU A 1 18 ? 4.805   11.779  -3.369  1.00 32.21 ? 18  GLU A CG    1 
ATOM   122 C  CD    . GLU A 1 18 ? 4.928   11.686  -4.867  1.00 32.13 ? 18  GLU A CD    1 
ATOM   123 O  OE1   . GLU A 1 18 ? 3.876   11.704  -5.542  1.00 33.21 ? 18  GLU A OE1   1 
ATOM   124 O  OE2   . GLU A 1 18 ? 6.071   11.588  -5.365  1.00 28.76 ? 18  GLU A OE2   1 
ATOM   125 N  N     . ARG A 1 19 ? 1.577   10.792  0.093   1.00 25.86 ? 19  ARG A N     1 
ATOM   126 C  CA    . ARG A 1 19 ? 0.268   10.631  0.698   1.00 26.76 ? 19  ARG A CA    1 
ATOM   127 C  C     . ARG A 1 19 ? -0.754  10.266  -0.344  1.00 28.48 ? 19  ARG A C     1 
ATOM   128 O  O     . ARG A 1 19 ? -1.890  10.724  -0.292  1.00 29.25 ? 19  ARG A O     1 
ATOM   129 C  CB    . ARG A 1 19 ? -0.166  11.911  1.411   1.00 30.59 ? 19  ARG A CB    1 
ATOM   130 C  CG    . ARG A 1 19 ? 0.881   12.518  2.296   1.00 32.90 ? 19  ARG A CG    1 
ATOM   131 C  CD    . ARG A 1 19 ? 0.323   13.721  3.029   1.00 39.02 ? 19  ARG A CD    1 
ATOM   132 N  NE    . ARG A 1 19 ? 1.290   14.814  3.048   1.00 48.81 ? 19  ARG A NE    1 
ATOM   133 C  CZ    . ARG A 1 19 ? 1.527   15.637  2.025   1.00 50.30 ? 19  ARG A CZ    1 
ATOM   134 N  NH1   . ARG A 1 19 ? 0.843   15.523  0.890   1.00 43.31 ? 19  ARG A NH1   1 
ATOM   135 N  NH2   . ARG A 1 19 ? 2.436   16.599  2.146   1.00 49.16 ? 19  ARG A NH2   1 
ATOM   136 N  N     . VAL A 1 20 ? -0.350  9.465   -1.314  1.00 25.92 ? 20  VAL A N     1 
ATOM   137 C  CA    . VAL A 1 20 ? -1.256  9.152   -2.398  1.00 26.87 ? 20  VAL A CA    1 
ATOM   138 C  C     . VAL A 1 20 ? -2.298  8.174   -1.910  1.00 26.92 ? 20  VAL A C     1 
ATOM   139 O  O     . VAL A 1 20 ? -1.977  7.155   -1.310  1.00 26.26 ? 20  VAL A O     1 
ATOM   140 C  CB    . VAL A 1 20 ? -0.531  8.570   -3.602  1.00 27.07 ? 20  VAL A CB    1 
ATOM   141 C  CG1   . VAL A 1 20 ? -1.478  8.480   -4.782  1.00 29.03 ? 20  VAL A CG1   1 
ATOM   142 C  CG2   . VAL A 1 20 ? 0.667   9.431   -3.944  1.00 30.12 ? 20  VAL A CG2   1 
ATOM   143 N  N     . PRO A 1 21 ? -3.564  8.509   -2.130  1.00 23.58 ? 21  PRO A N     1 
ATOM   144 C  CA    . PRO A 1 21 ? -4.650  7.569   -1.880  1.00 24.69 ? 21  PRO A CA    1 
ATOM   145 C  C     . PRO A 1 21 ? -4.489  6.313   -2.737  1.00 27.42 ? 21  PRO A C     1 
ATOM   146 O  O     . PRO A 1 21 ? -4.207  6.423   -3.935  1.00 25.64 ? 21  PRO A O     1 
ATOM   147 C  CB    . PRO A 1 21 ? -5.885  8.359   -2.284  1.00 26.99 ? 21  PRO A CB    1 
ATOM   148 C  CG    . PRO A 1 21 ? -5.489  9.786   -2.090  1.00 29.93 ? 21  PRO A CG    1 
ATOM   149 C  CD    . PRO A 1 21 ? -4.050  9.851   -2.467  1.00 28.56 ? 21  PRO A CD    1 
ATOM   150 N  N     . VAL A 1 22 ? -4.647  5.138   -2.129  1.00 26.12 ? 22  VAL A N     1 
ATOM   151 C  CA    . VAL A 1 22 ? -4.554  3.872   -2.862  1.00 26.15 ? 22  VAL A CA    1 
ATOM   152 C  C     . VAL A 1 22 ? -5.760  2.952   -2.600  1.00 26.37 ? 22  VAL A C     1 
ATOM   153 O  O     . VAL A 1 22 ? -6.474  3.102   -1.600  1.00 24.37 ? 22  VAL A O     1 
ATOM   154 C  CB    . VAL A 1 22 ? -3.255  3.090   -2.510  1.00 24.17 ? 22  VAL A CB    1 
ATOM   155 C  CG1   . VAL A 1 22 ? -2.021  3.913   -2.838  1.00 24.12 ? 22  VAL A CG1   1 
ATOM   156 C  CG2   . VAL A 1 22 ? -3.251  2.673   -1.046  1.00 22.68 ? 22  VAL A CG2   1 
ATOM   157 N  N     . SER A 1 23 ? -5.991  2.024   -3.529  1.00 23.62 ? 23  SER A N     1 
ATOM   158 C  CA    . SER A 1 23 ? -6.870  0.891   -3.296  1.00 23.29 ? 23  SER A CA    1 
ATOM   159 C  C     . SER A 1 23 ? -5.989  -0.327  -3.126  1.00 24.50 ? 23  SER A C     1 
ATOM   160 O  O     . SER A 1 23 ? -5.151  -0.584  -3.980  1.00 24.37 ? 23  SER A O     1 
ATOM   161 C  CB    . SER A 1 23 ? -7.850  0.677   -4.451  1.00 24.89 ? 23  SER A CB    1 
ATOM   162 O  OG    . SER A 1 23 ? -8.792  1.728   -4.533  1.00 28.36 ? 23  SER A OG    1 
ATOM   163 N  N     . ILE A 1 24 ? -6.145  -1.058  -2.027  1.00 23.17 ? 24  ILE A N     1 
ATOM   164 C  CA    . ILE A 1 24 ? -5.453  -2.332  -1.905  1.00 21.28 ? 24  ILE A CA    1 
ATOM   165 C  C     . ILE A 1 24 ? -6.486  -3.428  -2.059  1.00 21.43 ? 24  ILE A C     1 
ATOM   166 O  O     . ILE A 1 24 ? -7.399  -3.565  -1.251  1.00 22.30 ? 24  ILE A O     1 
ATOM   167 C  CB    . ILE A 1 24 ? -4.702  -2.475  -0.575  1.00 23.94 ? 24  ILE A CB    1 
ATOM   168 C  CG1   . ILE A 1 24 ? -3.736  -1.311  -0.398  1.00 23.04 ? 24  ILE A CG1   1 
ATOM   169 C  CG2   . ILE A 1 24 ? -3.929  -3.791  -0.533  1.00 21.44 ? 24  ILE A CG2   1 
ATOM   170 C  CD1   . ILE A 1 24 ? -3.036  -1.293  0.931   1.00 21.64 ? 24  ILE A CD1   1 
ATOM   171 N  N     . TYR A 1 25 ? -6.353  -4.182  -3.139  1.00 22.58 ? 25  TYR A N     1 
ATOM   172 C  CA    . TYR A 1 25 ? -7.285  -5.248  -3.451  1.00 22.03 ? 25  TYR A CA    1 
ATOM   173 C  C     . TYR A 1 25 ? -6.776  -6.510  -2.806  1.00 21.53 ? 25  TYR A C     1 
ATOM   174 O  O     . TYR A 1 25 ? -5.617  -6.868  -2.984  1.00 21.64 ? 25  TYR A O     1 
ATOM   175 C  CB    . TYR A 1 25 ? -7.427  -5.422  -4.965  1.00 21.74 ? 25  TYR A CB    1 
ATOM   176 C  CG    . TYR A 1 25 ? -8.239  -4.337  -5.657  1.00 24.16 ? 25  TYR A CG    1 
ATOM   177 C  CD1   . TYR A 1 25 ? -9.587  -4.525  -5.934  1.00 27.93 ? 25  TYR A CD1   1 
ATOM   178 C  CD2   . TYR A 1 25 ? -7.659  -3.136  -6.051  1.00 24.32 ? 25  TYR A CD2   1 
ATOM   179 C  CE1   . TYR A 1 25 ? -10.340 -3.541  -6.578  1.00 28.96 ? 25  TYR A CE1   1 
ATOM   180 C  CE2   . TYR A 1 25 ? -8.411  -2.149  -6.692  1.00 27.59 ? 25  TYR A CE2   1 
ATOM   181 C  CZ    . TYR A 1 25 ? -9.750  -2.365  -6.950  1.00 27.38 ? 25  TYR A CZ    1 
ATOM   182 O  OH    . TYR A 1 25 ? -10.505 -1.401  -7.580  1.00 35.80 ? 25  TYR A OH    1 
ATOM   183 N  N     . LEU A 1 26 ? -7.620  -7.183  -2.040  1.00 23.86 ? 26  LEU A N     1 
ATOM   184 C  CA    . LEU A 1 26 ? -7.165  -8.381  -1.343  1.00 22.47 ? 26  LEU A CA    1 
ATOM   185 C  C     . LEU A 1 26 ? -7.541  -9.652  -2.106  1.00 24.06 ? 26  LEU A C     1 
ATOM   186 O  O     . LEU A 1 26 ? -8.381  -9.624  -3.005  1.00 23.07 ? 26  LEU A O     1 
ATOM   187 C  CB    . LEU A 1 26 ? -7.724  -8.411  0.073   1.00 22.26 ? 26  LEU A CB    1 
ATOM   188 C  CG    . LEU A 1 26 ? -7.309  -7.247  0.970   1.00 22.19 ? 26  LEU A CG    1 
ATOM   189 C  CD1   . LEU A 1 26 ? -8.000  -7.353  2.309   1.00 23.07 ? 26  LEU A CD1   1 
ATOM   190 C  CD2   . LEU A 1 26 ? -5.793  -7.201  1.157   1.00 21.77 ? 26  LEU A CD2   1 
ATOM   191 N  N     . VAL A 1 27 ? -6.907  -10.763 -1.736  1.00 25.01 ? 27  VAL A N     1 
ATOM   192 C  CA    . VAL A 1 27 ? -7.061  -12.030 -2.452  1.00 25.00 ? 27  VAL A CA    1 
ATOM   193 C  C     . VAL A 1 27 ? -8.420  -12.652 -2.208  1.00 24.63 ? 27  VAL A C     1 
ATOM   194 O  O     . VAL A 1 27 ? -8.744  -13.684 -2.785  1.00 31.17 ? 27  VAL A O     1 
ATOM   195 C  CB    . VAL A 1 27 ? -5.985  -13.064 -2.048  1.00 25.79 ? 27  VAL A CB    1 
ATOM   196 C  CG1   . VAL A 1 27 ? -4.589  -12.667 -2.561  1.00 22.13 ? 27  VAL A CG1   1 
ATOM   197 C  CG2   . VAL A 1 27 ? -5.989  -13.284 -0.535  1.00 28.29 ? 27  VAL A CG2   1 
ATOM   198 N  N     . ASN A 1 28 ? -9.198  -12.034 -1.331  1.00 29.00 ? 28  ASN A N     1 
ATOM   199 C  CA    . ASN A 1 28 ? -10.561 -12.480 -1.067  1.00 29.94 ? 28  ASN A CA    1 
ATOM   200 C  C     . ASN A 1 28 ? -11.593 -11.578 -1.753  1.00 29.77 ? 28  ASN A C     1 
ATOM   201 O  O     . ASN A 1 28 ? -12.795 -11.696 -1.504  1.00 30.77 ? 28  ASN A O     1 
ATOM   202 C  CB    . ASN A 1 28 ? -10.819 -12.523 0.435   1.00 27.09 ? 28  ASN A CB    1 
ATOM   203 C  CG    . ASN A 1 28 ? -10.546 -11.198 1.101   1.00 25.77 ? 28  ASN A CG    1 
ATOM   204 O  OD1   . ASN A 1 28 ? -10.221 -10.218 0.439   1.00 26.49 ? 28  ASN A OD1   1 
ATOM   205 N  ND2   . ASN A 1 28 ? -10.676 -11.159 2.412   1.00 25.44 ? 28  ASN A ND2   1 
ATOM   206 N  N     . GLY A 1 29 ? -11.120 -10.671 -2.601  1.00 27.38 ? 29  GLY A N     1 
ATOM   207 C  CA    . GLY A 1 29 ? -12.010 -9.770  -3.302  1.00 26.17 ? 29  GLY A CA    1 
ATOM   208 C  C     . GLY A 1 29 ? -12.309 -8.492  -2.538  1.00 26.23 ? 29  GLY A C     1 
ATOM   209 O  O     . GLY A 1 29 ? -12.917 -7.569  -3.069  1.00 26.54 ? 29  GLY A O     1 
ATOM   210 N  N     . ILE A 1 30 ? -11.885 -8.423  -1.287  1.00 23.54 ? 30  ILE A N     1 
ATOM   211 C  CA    . ILE A 1 30 ? -12.098 -7.208  -0.525  1.00 25.29 ? 30  ILE A CA    1 
ATOM   212 C  C     . ILE A 1 30 ? -11.206 -6.082  -1.016  1.00 24.44 ? 30  ILE A C     1 
ATOM   213 O  O     . ILE A 1 30 ? -10.007 -6.252  -1.182  1.00 26.19 ? 30  ILE A O     1 
ATOM   214 C  CB    . ILE A 1 30 ? -11.858 -7.441  0.955   1.00 24.65 ? 30  ILE A CB    1 
ATOM   215 C  CG1   . ILE A 1 30 ? -13.134 -7.988  1.581   1.00 28.18 ? 30  ILE A CG1   1 
ATOM   216 C  CG2   . ILE A 1 30 ? -11.462 -6.151  1.639   1.00 27.91 ? 30  ILE A CG2   1 
ATOM   217 C  CD1   . ILE A 1 30 ? -12.972 -8.451  3.018   1.00 33.53 ? 30  ILE A CD1   1 
ATOM   218 N  N     . LYS A 1 31 ? -11.815 -4.935  -1.273  1.00 24.17 ? 31  LYS A N     1 
ATOM   219 C  CA    . LYS A 1 31 ? -11.075 -3.743  -1.633  1.00 25.84 ? 31  LYS A CA    1 
ATOM   220 C  C     . LYS A 1 31 ? -10.962 -2.808  -0.444  1.00 26.43 ? 31  LYS A C     1 
ATOM   221 O  O     . LYS A 1 31 ? -11.959 -2.351  0.106   1.00 29.70 ? 31  LYS A O     1 
ATOM   222 C  CB    . LYS A 1 31 ? -11.753 -3.021  -2.798  1.00 28.83 ? 31  LYS A CB    1 
ATOM   223 C  CG    . LYS A 1 31 ? -11.032 -1.769  -3.263  1.00 28.43 ? 31  LYS A CG    1 
ATOM   224 C  CD    . LYS A 1 31 ? -11.762 -1.072  -4.408  1.00 31.56 ? 31  LYS A CD    1 
ATOM   225 C  CE    . LYS A 1 31 ? -13.086 -0.491  -3.949  1.00 33.64 ? 31  LYS A CE    1 
ATOM   226 N  NZ    . LYS A 1 31 ? -12.899 0.536   -2.909  1.00 37.52 ? 31  LYS A NZ    1 
ATOM   227 N  N     . LEU A 1 32 ? -9.738  -2.515  -0.044  1.00 23.71 ? 32  LEU A N     1 
ATOM   228 C  CA    . LEU A 1 32 ? -9.532  -1.542  1.003   1.00 25.52 ? 32  LEU A CA    1 
ATOM   229 C  C     . LEU A 1 32 ? -9.125  -0.235  0.381   1.00 27.52 ? 32  LEU A C     1 
ATOM   230 O  O     . LEU A 1 32 ? -8.662  -0.210  -0.755  1.00 25.60 ? 32  LEU A O     1 
ATOM   231 C  CB    . LEU A 1 32 ? -8.470  -2.013  1.978   1.00 28.35 ? 32  LEU A CB    1 
ATOM   232 C  CG    . LEU A 1 32 ? -8.741  -3.349  2.665   1.00 30.20 ? 32  LEU A CG    1 
ATOM   233 C  CD1   . LEU A 1 32 ? -7.608  -3.695  3.619   1.00 26.02 ? 32  LEU A CD1   1 
ATOM   234 C  CD2   . LEU A 1 32 ? -10.074 -3.299  3.398   1.00 31.38 ? 32  LEU A CD2   1 
ATOM   235 N  N     . GLN A 1 33 ? -9.311  0.853   1.123   1.00 27.69 ? 33  GLN A N     1 
ATOM   236 C  CA    . GLN A 1 33 ? -8.904  2.171   0.654   1.00 29.53 ? 33  GLN A CA    1 
ATOM   237 C  C     . GLN A 1 33 ? -8.294  2.976   1.789   1.00 28.75 ? 33  GLN A C     1 
ATOM   238 O  O     . GLN A 1 33 ? -8.846  3.022   2.877   1.00 30.18 ? 33  GLN A O     1 
ATOM   239 C  CB    . GLN A 1 33 ? -10.093 2.921   0.046   1.00 32.29 ? 33  GLN A CB    1 
ATOM   240 C  CG    . GLN A 1 33 ? -10.771 2.165   -1.078  1.00 33.28 ? 33  GLN A CG    1 
ATOM   241 C  CD    . GLN A 1 33 ? -11.443 3.072   -2.077  1.00 39.11 ? 33  GLN A CD    1 
ATOM   242 O  OE1   . GLN A 1 33 ? -12.335 3.843   -1.732  1.00 43.06 ? 33  GLN A OE1   1 
ATOM   243 N  NE2   . GLN A 1 33 ? -11.027 2.976   -3.332  1.00 39.83 ? 33  GLN A NE2   1 
ATOM   244 N  N     . GLY A 1 34 ? -7.150  3.606   1.536   1.00 28.41 ? 34  GLY A N     1 
ATOM   245 C  CA    . GLY A 1 34 ? -6.514  4.455   2.535   1.00 27.45 ? 34  GLY A CA    1 
ATOM   246 C  C     . GLY A 1 34 ? -5.231  5.092   2.037   1.00 24.87 ? 34  GLY A C     1 
ATOM   247 O  O     . GLY A 1 34 ? -5.037  5.233   0.830   1.00 27.26 ? 34  GLY A O     1 
ATOM   248 N  N     . GLN A 1 35 ? -4.365  5.488   2.965   1.00 25.19 ? 35  GLN A N     1 
ATOM   249 C  CA    . GLN A 1 35 ? -3.014  5.944   2.637   1.00 25.12 ? 35  GLN A CA    1 
ATOM   250 C  C     . GLN A 1 35 ? -2.027  5.015   3.275   1.00 22.69 ? 35  GLN A C     1 
ATOM   251 O  O     . GLN A 1 35 ? -2.228  4.569   4.398   1.00 24.52 ? 35  GLN A O     1 
ATOM   252 C  CB    . GLN A 1 35 ? -2.734  7.367   3.130   1.00 24.92 ? 35  GLN A CB    1 
ATOM   253 C  CG    . GLN A 1 35 ? -3.153  8.477   2.192   1.00 29.52 ? 35  GLN A CG    1 
ATOM   254 C  CD    . GLN A 1 35 ? -2.928  9.852   2.797   1.00 33.90 ? 35  GLN A CD    1 
ATOM   255 O  OE1   . GLN A 1 35 ? -2.090  10.032  3.685   1.00 36.86 ? 35  GLN A OE1   1 
ATOM   256 N  NE2   . GLN A 1 35 ? -3.695  10.824  2.334   1.00 35.28 ? 35  GLN A NE2   1 
ATOM   257 N  N     . ILE A 1 36 ? -0.954  4.716   2.559   1.00 25.14 ? 36  ILE A N     1 
ATOM   258 C  CA    . ILE A 1 36 ? 0.118   3.951   3.154   1.00 23.32 ? 36  ILE A CA    1 
ATOM   259 C  C     . ILE A 1 36 ? 0.751   4.819   4.215   1.00 24.01 ? 36  ILE A C     1 
ATOM   260 O  O     . ILE A 1 36 ? 1.346   5.852   3.917   1.00 23.35 ? 36  ILE A O     1 
ATOM   261 C  CB    . ILE A 1 36 ? 1.157   3.525   2.126   1.00 21.28 ? 36  ILE A CB    1 
ATOM   262 C  CG1   . ILE A 1 36 ? 0.522   2.548   1.150   1.00 22.05 ? 36  ILE A CG1   1 
ATOM   263 C  CG2   . ILE A 1 36 ? 2.372   2.902   2.814   1.00 20.62 ? 36  ILE A CG2   1 
ATOM   264 C  CD1   . ILE A 1 36 ? 1.372   2.278   -0.029  1.00 23.59 ? 36  ILE A CD1   1 
ATOM   265 N  N     . GLU A 1 37 ? 0.587   4.427   5.466   1.00 25.94 ? 37  GLU A N     1 
ATOM   266 C  CA    . GLU A 1 37 ? 1.237   5.153   6.532   1.00 25.11 ? 37  GLU A CA    1 
ATOM   267 C  C     . GLU A 1 37 ? 2.645   4.625   6.708   1.00 25.99 ? 37  GLU A C     1 
ATOM   268 O  O     . GLU A 1 37 ? 3.580   5.381   6.935   1.00 26.24 ? 37  GLU A O     1 
ATOM   269 C  CB    . GLU A 1 37 ? 0.434   5.028   7.815   1.00 27.86 ? 37  GLU A CB    1 
ATOM   270 C  CG    . GLU A 1 37 ? 1.103   5.591   9.029   1.00 31.89 ? 37  GLU A CG    1 
ATOM   271 C  CD    . GLU A 1 37 ? 0.204   5.517   10.244  1.00 40.55 ? 37  GLU A CD    1 
ATOM   272 O  OE1   . GLU A 1 37 ? -0.648  4.597   10.316  1.00 41.99 ? 37  GLU A OE1   1 
ATOM   273 O  OE2   . GLU A 1 37 ? 0.335   6.395   11.120  1.00 46.45 ? 37  GLU A OE2   1 
ATOM   274 N  N     . SER A 1 38 ? 2.796   3.318   6.566   1.00 22.47 ? 38  SER A N     1 
ATOM   275 C  CA    . SER A 1 38 ? 4.060   2.681   6.862   1.00 24.80 ? 38  SER A CA    1 
ATOM   276 C  C     . SER A 1 38 ? 4.079   1.290   6.253   1.00 21.42 ? 38  SER A C     1 
ATOM   277 O  O     . SER A 1 38 ? 3.025   0.751   5.932   1.00 21.98 ? 38  SER A O     1 
ATOM   278 C  CB    . SER A 1 38 ? 4.266   2.608   8.370   1.00 24.64 ? 38  SER A CB    1 
ATOM   279 O  OG    . SER A 1 38 ? 5.546   2.108   8.676   1.00 28.88 ? 38  SER A OG    1 
ATOM   280 N  N     . PHE A 1 39 ? 5.267   0.720   6.082   1.00 19.43 ? 39  PHE A N     1 
ATOM   281 C  CA    . PHE A 1 39 ? 5.383   -0.630  5.552   1.00 19.43 ? 39  PHE A CA    1 
ATOM   282 C  C     . PHE A 1 39 ? 6.699   -1.260  5.973   1.00 19.83 ? 39  PHE A C     1 
ATOM   283 O  O     . PHE A 1 39 ? 7.683   -0.562  6.194   1.00 19.58 ? 39  PHE A O     1 
ATOM   284 C  CB    . PHE A 1 39 ? 5.276   -0.629  4.035   1.00 18.92 ? 39  PHE A CB    1 
ATOM   285 C  CG    . PHE A 1 39 ? 6.410   0.067   3.357   1.00 21.45 ? 39  PHE A CG    1 
ATOM   286 C  CD1   . PHE A 1 39 ? 7.469   -0.654  2.835   1.00 23.18 ? 39  PHE A CD1   1 
ATOM   287 C  CD2   . PHE A 1 39 ? 6.424   1.447   3.243   1.00 21.47 ? 39  PHE A CD2   1 
ATOM   288 C  CE1   . PHE A 1 39 ? 8.527   -0.009  2.209   1.00 22.39 ? 39  PHE A CE1   1 
ATOM   289 C  CE2   . PHE A 1 39 ? 7.477   2.096   2.623   1.00 24.28 ? 39  PHE A CE2   1 
ATOM   290 C  CZ    . PHE A 1 39 ? 8.530   1.365   2.107   1.00 22.10 ? 39  PHE A CZ    1 
ATOM   291 N  N     . ALA A 1 40 ? 6.710   -2.583  6.086   1.00 20.38 ? 40  ALA A N     1 
ATOM   292 C  CA    . ALA A 1 40 ? 7.916   -3.324  6.450   1.00 18.27 ? 40  ALA A CA    1 
ATOM   293 C  C     . ALA A 1 40 ? 8.042   -4.571  5.598   1.00 18.42 ? 40  ALA A C     1 
ATOM   294 O  O     . ALA A 1 40 ? 7.592   -4.598  4.467   1.00 19.17 ? 40  ALA A O     1 
ATOM   295 C  CB    . ALA A 1 40 ? 7.902   -3.688  7.922   1.00 21.94 ? 40  ALA A CB    1 
ATOM   296 N  N     . GLN A 1 41 ? 8.644   -5.614  6.143   1.00 18.58 ? 41  GLN A N     1 
ATOM   297 C  CA    . GLN A 1 41 ? 8.941   -6.776  5.331   1.00 20.25 ? 41  GLN A CA    1 
ATOM   298 C  C     . GLN A 1 41 ? 7.674   -7.528  4.975   1.00 19.04 ? 41  GLN A C     1 
ATOM   299 O  O     . GLN A 1 41 ? 7.499   -7.929  3.836   1.00 18.50 ? 41  GLN A O     1 
ATOM   300 C  CB    . GLN A 1 41 ? 9.928   -7.711  6.034   1.00 20.06 ? 41  GLN A CB    1 
ATOM   301 C  CG    . GLN A 1 41 ? 10.467  -8.778  5.097   1.00 22.77 ? 41  GLN A CG    1 
ATOM   302 C  CD    . GLN A 1 41 ? 11.502  -9.682  5.730   1.00 23.88 ? 41  GLN A CD    1 
ATOM   303 O  OE1   . GLN A 1 41 ? 11.597  -9.794  6.953   1.00 24.09 ? 41  GLN A OE1   1 
ATOM   304 N  NE2   . GLN A 1 41 ? 12.278  -10.348 4.889   1.00 26.60 ? 41  GLN A NE2   1 
ATOM   305 N  N     . PHE A 1 42 ? 6.786   -7.714  5.945   1.00 18.98 ? 42  PHE A N     1 
ATOM   306 C  CA    . PHE A 1 42 ? 5.615   -8.568  5.738   1.00 18.71 ? 42  PHE A CA    1 
ATOM   307 C  C     . PHE A 1 42 ? 4.273   -7.836  5.776   1.00 17.27 ? 42  PHE A C     1 
ATOM   308 O  O     . PHE A 1 42 ? 3.251   -8.394  5.392   1.00 17.78 ? 42  PHE A O     1 
ATOM   309 C  CB    . PHE A 1 42 ? 5.593   -9.691  6.780   1.00 20.35 ? 42  PHE A CB    1 
ATOM   310 C  CG    . PHE A 1 42 ? 6.754   -10.622 6.686   1.00 21.78 ? 42  PHE A CG    1 
ATOM   311 C  CD1   . PHE A 1 42 ? 6.798   -11.594 5.700   1.00 24.71 ? 42  PHE A CD1   1 
ATOM   312 C  CD2   . PHE A 1 42 ? 7.800   -10.538 7.587   1.00 23.12 ? 42  PHE A CD2   1 
ATOM   313 C  CE1   . PHE A 1 42 ? 7.869   -12.459 5.611   1.00 25.50 ? 42  PHE A CE1   1 
ATOM   314 C  CE2   . PHE A 1 42 ? 8.869   -11.397 7.502   1.00 23.98 ? 42  PHE A CE2   1 
ATOM   315 C  CZ    . PHE A 1 42 ? 8.906   -12.356 6.507   1.00 25.40 ? 42  PHE A CZ    1 
ATOM   316 N  N     . VAL A 1 43 ? 4.262   -6.594  6.241   1.00 18.93 ? 43  VAL A N     1 
ATOM   317 C  CA    . VAL A 1 43 ? 3.002   -5.891  6.388   1.00 16.56 ? 43  VAL A CA    1 
ATOM   318 C  C     . VAL A 1 43 ? 3.061   -4.484  5.841   1.00 17.34 ? 43  VAL A C     1 
ATOM   319 O  O     . VAL A 1 43 ? 4.134   -3.909  5.681   1.00 16.79 ? 43  VAL A O     1 
ATOM   320 C  CB    . VAL A 1 43 ? 2.570   -5.811  7.848   1.00 16.72 ? 43  VAL A CB    1 
ATOM   321 C  CG1   . VAL A 1 43 ? 2.237   -7.197  8.396   1.00 19.01 ? 43  VAL A CG1   1 
ATOM   322 C  CG2   . VAL A 1 43 ? 3.657   -5.154  8.674   1.00 21.16 ? 43  VAL A CG2   1 
ATOM   323 N  N     . ILE A 1 44 ? 1.878   -3.945  5.565   1.00 18.34 ? 44  ILE A N     1 
ATOM   324 C  CA    . ILE A 1 44 ? 1.695   -2.548  5.226   1.00 19.58 ? 44  ILE A CA    1 
ATOM   325 C  C     . ILE A 1 44 ? 0.695   -1.970  6.213   1.00 21.66 ? 44  ILE A C     1 
ATOM   326 O  O     . ILE A 1 44 ? -0.284  -2.625  6.553   1.00 20.95 ? 44  ILE A O     1 
ATOM   327 C  CB    . ILE A 1 44 ? 1.194   -2.374  3.780   1.00 19.73 ? 44  ILE A CB    1 
ATOM   328 C  CG1   . ILE A 1 44 ? 2.206   -2.951  2.797   1.00 16.35 ? 44  ILE A CG1   1 
ATOM   329 C  CG2   . ILE A 1 44 ? 0.944   -0.922  3.464   1.00 22.27 ? 44  ILE A CG2   1 
ATOM   330 C  CD1   . ILE A 1 44 ? 1.734   -2.954  1.363   1.00 19.34 ? 44  ILE A CD1   1 
ATOM   331 N  N     . LEU A 1 45 ? 0.939   -0.755  6.686   1.00 20.66 ? 45  LEU A N     1 
ATOM   332 C  CA    . LEU A 1 45 ? -0.021  -0.072  7.557   1.00 25.77 ? 45  LEU A CA    1 
ATOM   333 C  C     . LEU A 1 45 ? -0.826  0.970   6.762   1.00 24.91 ? 45  LEU A C     1 
ATOM   334 O  O     . LEU A 1 45 ? -0.274  1.953   6.271   1.00 24.20 ? 45  LEU A O     1 
ATOM   335 C  CB    . LEU A 1 45 ? 0.706   0.579   8.731   1.00 26.04 ? 45  LEU A CB    1 
ATOM   336 C  CG    . LEU A 1 45 ? -0.130  1.004   9.933   1.00 28.67 ? 45  LEU A CG    1 
ATOM   337 C  CD1   . LEU A 1 45 ? -0.877  -0.176  10.480  1.00 27.56 ? 45  LEU A CD1   1 
ATOM   338 C  CD2   . LEU A 1 45 ? 0.772   1.593   11.005  1.00 31.52 ? 45  LEU A CD2   1 
ATOM   339 N  N     . LEU A 1 46 ? -2.124  0.728   6.619   1.00 22.54 ? 46  LEU A N     1 
ATOM   340 C  CA    . LEU A 1 46 ? -2.975  1.585   5.815   1.00 21.68 ? 46  LEU A CA    1 
ATOM   341 C  C     . LEU A 1 46 ? -3.840  2.439   6.713   1.00 25.08 ? 46  LEU A C     1 
ATOM   342 O  O     . LEU A 1 46 ? -4.598  1.901   7.510   1.00 28.00 ? 46  LEU A O     1 
ATOM   343 C  CB    . LEU A 1 46 ? -3.851  0.747   4.889   1.00 23.10 ? 46  LEU A CB    1 
ATOM   344 C  CG    . LEU A 1 46 ? -4.605  1.472   3.776   1.00 23.80 ? 46  LEU A CG    1 
ATOM   345 C  CD1   . LEU A 1 46 ? -3.657  1.964   2.715   1.00 24.58 ? 46  LEU A CD1   1 
ATOM   346 C  CD2   . LEU A 1 46 ? -5.632  0.549   3.179   1.00 25.17 ? 46  LEU A CD2   1 
ATOM   347 N  N     . LYS A 1 47 ? -3.735  3.759   6.586   1.00 25.46 ? 47  LYS A N     1 
ATOM   348 C  CA    . LYS A 1 47 ? -4.468  4.656   7.466   1.00 27.54 ? 47  LYS A CA    1 
ATOM   349 C  C     . LYS A 1 47 ? -5.719  5.206   6.803   1.00 29.95 ? 47  LYS A C     1 
ATOM   350 O  O     . LYS A 1 47 ? -5.746  5.424   5.606   1.00 29.65 ? 47  LYS A O     1 
ATOM   351 C  CB    . LYS A 1 47 ? -3.606  5.843   7.899   1.00 28.96 ? 47  LYS A CB    1 
ATOM   352 C  CG    . LYS A 1 47 ? -2.571  6.239   6.871   1.00 33.80 ? 47  LYS A CG    1 
ATOM   353 C  CD    . LYS A 1 47 ? -2.076  7.691   6.993   1.00 33.40 ? 47  LYS A CD    1 
ATOM   354 C  CE    . LYS A 1 47 ? -1.462  8.012   8.347   1.00 35.73 ? 47  LYS A CE    1 
ATOM   355 N  NZ    . LYS A 1 47 ? -0.696  9.301   8.305   1.00 39.95 ? 47  LYS A NZ    1 
ATOM   356 N  N     . ASN A 1 48 ? -6.764  5.379   7.599   1.00 37.75 ? 48  ASN A N     1 
ATOM   357 C  CA    . ASN A 1 48 ? -7.743  6.456   7.427   1.00 43.31 ? 48  ASN A CA    1 
ATOM   358 C  C     . ASN A 1 48 ? -8.463  6.677   8.767   1.00 49.02 ? 48  ASN A C     1 
ATOM   359 O  O     . ASN A 1 48 ? -8.060  7.546   9.544   1.00 53.01 ? 48  ASN A O     1 
ATOM   360 C  CB    . ASN A 1 48 ? -8.738  6.200   6.284   1.00 42.29 ? 48  ASN A CB    1 
ATOM   361 C  CG    . ASN A 1 48 ? -9.176  4.760   6.179   1.00 44.86 ? 48  ASN A CG    1 
ATOM   362 O  OD1   . ASN A 1 48 ? -8.367  3.874   5.918   1.00 44.84 ? 48  ASN A OD1   1 
ATOM   363 N  ND2   . ASN A 1 48 ? -10.477 4.520   6.351   1.00 47.06 ? 48  ASN A ND2   1 
ATOM   364 N  N     . THR A 1 49 ? -9.488  5.885   9.066   1.00 46.56 ? 49  THR A N     1 
ATOM   365 C  CA    . THR A 1 49 ? -10.195 6.025   10.345  1.00 51.50 ? 49  THR A CA    1 
ATOM   366 C  C     . THR A 1 49 ? -9.324  5.508   11.516  1.00 50.20 ? 49  THR A C     1 
ATOM   367 O  O     . THR A 1 49 ? -9.058  6.247   12.475  1.00 42.66 ? 49  THR A O     1 
ATOM   368 C  CB    . THR A 1 49 ? -11.566 5.301   10.305  1.00 52.49 ? 49  THR A CB    1 
ATOM   369 O  OG1   . THR A 1 49 ? -12.167 5.484   9.014   1.00 54.62 ? 49  THR A OG1   1 
ATOM   370 C  CG2   . THR A 1 49 ? -12.504 5.845   11.384  1.00 52.02 ? 49  THR A CG2   1 
ATOM   371 N  N     . VAL A 1 50 ? -8.895  4.244   11.440  1.00 46.54 ? 50  VAL A N     1 
ATOM   372 C  CA    . VAL A 1 50 ? -7.766  3.747   12.242  1.00 41.67 ? 50  VAL A CA    1 
ATOM   373 C  C     . VAL A 1 50 ? -6.720  3.140   11.321  1.00 39.76 ? 50  VAL A C     1 
ATOM   374 O  O     . VAL A 1 50 ? -7.016  2.786   10.173  1.00 38.15 ? 50  VAL A O     1 
ATOM   375 C  CB    . VAL A 1 50 ? -8.149  2.661   13.288  1.00 39.41 ? 50  VAL A CB    1 
ATOM   376 C  CG1   . VAL A 1 50 ? -9.131  3.196   14.311  1.00 40.52 ? 50  VAL A CG1   1 
ATOM   377 C  CG2   . VAL A 1 50 ? -8.670  1.404   12.604  1.00 38.22 ? 50  VAL A CG2   1 
ATOM   378 N  N     . SER A 1 51 ? -5.500  3.014   11.830  1.00 35.04 ? 51  SER A N     1 
ATOM   379 C  CA    . SER A 1 51 ? -4.418  2.424   11.066  1.00 30.84 ? 51  SER A CA    1 
ATOM   380 C  C     . SER A 1 51 ? -4.467  0.915   11.187  1.00 30.10 ? 51  SER A C     1 
ATOM   381 O  O     . SER A 1 51 ? -4.217  0.361   12.261  1.00 29.80 ? 51  SER A O     1 
ATOM   382 C  CB    . SER A 1 51 ? -3.067  2.954   11.538  1.00 33.22 ? 51  SER A CB    1 
ATOM   383 O  OG    . SER A 1 51 ? -2.948  4.344   11.280  1.00 35.44 ? 51  SER A OG    1 
ATOM   384 N  N     . GLN A 1 52 ? -4.789  0.257   10.078  1.00 27.30 ? 52  GLN A N     1 
ATOM   385 C  CA    . GLN A 1 52 ? -4.886  -1.191  10.062  1.00 28.65 ? 52  GLN A CA    1 
ATOM   386 C  C     . GLN A 1 52 ? -3.681  -1.841  9.420   1.00 25.74 ? 52  GLN A C     1 
ATOM   387 O  O     . GLN A 1 52 ? -3.081  -1.289  8.494   1.00 24.49 ? 52  GLN A O     1 
ATOM   388 C  CB    . GLN A 1 52 ? -6.151  -1.630  9.339   1.00 28.00 ? 52  GLN A CB    1 
ATOM   389 C  CG    . GLN A 1 52 ? -6.286  -1.077  7.938   1.00 28.94 ? 52  GLN A CG    1 
ATOM   390 C  CD    . GLN A 1 52 ? -7.633  -1.424  7.324   1.00 30.57 ? 52  GLN A CD    1 
ATOM   391 O  OE1   . GLN A 1 52 ? -8.445  -0.547  7.048   1.00 36.00 ? 52  GLN A OE1   1 
ATOM   392 N  NE2   . GLN A 1 52 ? -7.876  -2.711  7.116   1.00 29.98 ? 52  GLN A NE2   1 
ATOM   393 N  N     . MET A 1 53 ? -3.352  -3.028  9.926   1.00 23.75 ? 53  MET A N     1 
ATOM   394 C  CA    . MET A 1 53 ? -2.197  -3.780  9.479   1.00 19.33 ? 53  MET A CA    1 
ATOM   395 C  C     . MET A 1 53 ? -2.602  -4.826  8.468   1.00 19.55 ? 53  MET A C     1 
ATOM   396 O  O     . MET A 1 53 ? -3.298  -5.780  8.792   1.00 20.46 ? 53  MET A O     1 
ATOM   397 C  CB    . MET A 1 53 ? -1.490  -4.447  10.658  1.00 20.98 ? 53  MET A CB    1 
ATOM   398 C  CG    . MET A 1 53 ? -0.171  -5.097  10.273  1.00 21.35 ? 53  MET A CG    1 
ATOM   399 S  SD    . MET A 1 53 ? 0.792   -5.739  11.651  1.00 21.98 ? 53  MET A SD    1 
ATOM   400 C  CE    . MET A 1 53 ? -0.123  -7.219  12.031  1.00 18.25 ? 53  MET A CE    1 
ATOM   401 N  N     . VAL A 1 54 ? -2.148  -4.637  7.239   1.00 19.26 ? 54  VAL A N     1 
ATOM   402 C  CA    . VAL A 1 54 ? -2.460  -5.541  6.152   1.00 18.75 ? 54  VAL A CA    1 
ATOM   403 C  C     . VAL A 1 54 ? -1.272  -6.428  5.879   1.00 19.60 ? 54  VAL A C     1 
ATOM   404 O  O     . VAL A 1 54 ? -0.170  -5.932  5.700   1.00 18.50 ? 54  VAL A O     1 
ATOM   405 C  CB    . VAL A 1 54 ? -2.817  -4.784  4.866   1.00 16.84 ? 54  VAL A CB    1 
ATOM   406 C  CG1   . VAL A 1 54 ? -3.331  -5.753  3.810   1.00 18.22 ? 54  VAL A CG1   1 
ATOM   407 C  CG2   . VAL A 1 54 ? -3.842  -3.709  5.154   1.00 20.52 ? 54  VAL A CG2   1 
ATOM   408 N  N     . TYR A 1 55 ? -1.507  -7.738  5.852   1.00 15.52 ? 55  TYR A N     1 
ATOM   409 C  CA    . TYR A 1 55 ? -0.470  -8.692  5.499   1.00 15.44 ? 55  TYR A CA    1 
ATOM   410 C  C     . TYR A 1 55 ? -0.277  -8.755  3.986   1.00 16.93 ? 55  TYR A C     1 
ATOM   411 O  O     . TYR A 1 55 ? -1.222  -8.924  3.234   1.00 15.53 ? 55  TYR A O     1 
ATOM   412 C  CB    . TYR A 1 55 ? -0.800  -10.078 6.070   1.00 15.83 ? 55  TYR A CB    1 
ATOM   413 C  CG    . TYR A 1 55 ? -0.410  -10.202 7.522   1.00 17.17 ? 55  TYR A CG    1 
ATOM   414 C  CD1   . TYR A 1 55 ? 0.914   -10.404 7.879   1.00 17.78 ? 55  TYR A CD1   1 
ATOM   415 C  CD2   . TYR A 1 55 ? -1.352  -10.067 8.537   1.00 17.56 ? 55  TYR A CD2   1 
ATOM   416 C  CE1   . TYR A 1 55 ? 1.291   -10.494 9.196   1.00 19.83 ? 55  TYR A CE1   1 
ATOM   417 C  CE2   . TYR A 1 55 ? -0.985  -10.160 9.868   1.00 16.48 ? 55  TYR A CE2   1 
ATOM   418 C  CZ    . TYR A 1 55 ? 0.345   -10.368 10.188  1.00 18.57 ? 55  TYR A CZ    1 
ATOM   419 O  OH    . TYR A 1 55 ? 0.750   -10.458 11.500  1.00 18.80 ? 55  TYR A OH    1 
ATOM   420 N  N     . LYS A 1 56 ? 0.964   -8.593  3.549   1.00 17.16 ? 56  LYS A N     1 
ATOM   421 C  CA    . LYS A 1 56 ? 1.267   -8.591  2.131   1.00 17.64 ? 56  LYS A CA    1 
ATOM   422 C  C     . LYS A 1 56 ? 0.852   -9.886  1.447   1.00 16.75 ? 56  LYS A C     1 
ATOM   423 O  O     . LYS A 1 56 ? 0.456   -9.873  0.289   1.00 16.80 ? 56  LYS A O     1 
ATOM   424 C  CB    . LYS A 1 56 ? 2.752   -8.358  1.907   1.00 15.79 ? 56  LYS A CB    1 
ATOM   425 C  CG    . LYS A 1 56 ? 3.250   -6.975  2.281   1.00 18.27 ? 56  LYS A CG    1 
ATOM   426 C  CD    . LYS A 1 56 ? 4.683   -6.846  1.805   1.00 17.49 ? 56  LYS A CD    1 
ATOM   427 C  CE    . LYS A 1 56 ? 5.403   -5.657  2.378   1.00 18.86 ? 56  LYS A CE    1 
ATOM   428 N  NZ    . LYS A 1 56 ? 6.798   -5.676  1.872   1.00 17.99 ? 56  LYS A NZ    1 
ATOM   429 N  N     . HIS A 1 57 ? 0.924   -11.008 2.162   1.00 19.38 ? 57  HIS A N     1 
ATOM   430 C  CA    . HIS A 1 57 ? 0.563   -12.288 1.557   1.00 17.80 ? 57  HIS A CA    1 
ATOM   431 C  C     . HIS A 1 57 ? -0.916  -12.299 1.195   1.00 16.00 ? 57  HIS A C     1 
ATOM   432 O  O     . HIS A 1 57 ? -1.339  -13.084 0.361   1.00 17.74 ? 57  HIS A O     1 
ATOM   433 C  CB    . HIS A 1 57 ? 0.915   -13.469 2.472   1.00 16.68 ? 57  HIS A CB    1 
ATOM   434 C  CG    . HIS A 1 57 ? 0.286   -13.417 3.825   1.00 16.63 ? 57  HIS A CG    1 
ATOM   435 N  ND1   . HIS A 1 57 ? -1.077  -13.428 4.017   1.00 15.58 ? 57  HIS A ND1   1 
ATOM   436 C  CD2   . HIS A 1 57 ? 0.838   -13.384 5.060   1.00 16.63 ? 57  HIS A CD2   1 
ATOM   437 C  CE1   . HIS A 1 57 ? -1.338  -13.394 5.310   1.00 14.99 ? 57  HIS A CE1   1 
ATOM   438 N  NE2   . HIS A 1 57 ? -0.194  -13.363 5.964   1.00 18.97 ? 57  HIS A NE2   1 
ATOM   439 N  N     . ALA A 1 58 ? -1.681  -11.385 1.794   1.00 15.49 ? 58  ALA A N     1 
ATOM   440 C  CA    . ALA A 1 58 ? -3.108  -11.258 1.517   1.00 16.55 ? 58  ALA A CA    1 
ATOM   441 C  C     . ALA A 1 58 ? -3.413  -10.242 0.408   1.00 18.05 ? 58  ALA A C     1 
ATOM   442 O  O     . ALA A 1 58 ? -4.545  -10.126 -0.049  1.00 17.63 ? 58  ALA A O     1 
ATOM   443 C  CB    . ALA A 1 58 ? -3.848  -10.876 2.781   1.00 18.60 ? 58  ALA A CB    1 
ATOM   444 N  N     . ILE A 1 59 ? -2.396  -9.520  -0.034  1.00 16.65 ? 59  ILE A N     1 
ATOM   445 C  CA    . ILE A 1 59 ? -2.585  -8.494  -1.049  1.00 17.90 ? 59  ILE A CA    1 
ATOM   446 C  C     . ILE A 1 59 ? -2.444  -9.051  -2.473  1.00 16.27 ? 59  ILE A C     1 
ATOM   447 O  O     . ILE A 1 59 ? -1.533  -9.805  -2.743  1.00 16.12 ? 59  ILE A O     1 
ATOM   448 C  CB    . ILE A 1 59 ? -1.566  -7.342  -0.834  1.00 17.76 ? 59  ILE A CB    1 
ATOM   449 C  CG1   . ILE A 1 59 ? -1.810  -6.674  0.519   1.00 17.36 ? 59  ILE A CG1   1 
ATOM   450 C  CG2   . ILE A 1 59 ? -1.622  -6.323  -1.971  1.00 17.37 ? 59  ILE A CG2   1 
ATOM   451 C  CD1   . ILE A 1 59 ? -0.866  -5.521  0.807   1.00 20.19 ? 59  ILE A CD1   1 
ATOM   452 N  N     . SER A 1 60 ? -3.352  -8.680  -3.373  1.00 17.56 ? 60  SER A N     1 
ATOM   453 C  CA    . SER A 1 60 ? -3.205  -8.971  -4.809  1.00 15.91 ? 60  SER A CA    1 
ATOM   454 C  C     . SER A 1 60 ? -2.451  -7.878  -5.550  1.00 18.94 ? 60  SER A C     1 
ATOM   455 O  O     . SER A 1 60 ? -1.431  -8.121  -6.168  1.00 19.54 ? 60  SER A O     1 
ATOM   456 C  CB    . SER A 1 60 ? -4.568  -9.128  -5.481  1.00 19.72 ? 60  SER A CB    1 
ATOM   457 O  OG    . SER A 1 60 ? -5.086  -10.430 -5.329  1.00 28.56 ? 60  SER A OG    1 
ATOM   458 N  N     . THR A 1 61 ? -3.010  -6.673  -5.519  1.00 19.85 ? 61  THR A N     1 
ATOM   459 C  CA    . THR A 1 61 ? -2.480  -5.542  -6.257  1.00 19.46 ? 61  THR A CA    1 
ATOM   460 C  C     . THR A 1 61 ? -2.619  -4.254  -5.468  1.00 19.96 ? 61  THR A C     1 
ATOM   461 O  O     . THR A 1 61 ? -3.623  -4.045  -4.786  1.00 19.60 ? 61  THR A O     1 
ATOM   462 C  CB    . THR A 1 61 ? -3.201  -5.365  -7.589  1.00 22.84 ? 61  THR A CB    1 
ATOM   463 O  OG1   . THR A 1 61 ? -4.595  -5.158  -7.339  1.00 27.62 ? 61  THR A OG1   1 
ATOM   464 C  CG2   . THR A 1 61 ? -3.054  -6.593  -8.436  1.00 22.45 ? 61  THR A CG2   1 
ATOM   465 N  N     . VAL A 1 62 ? -1.604  -3.400  -5.557  1.00 18.19 ? 62  VAL A N     1 
ATOM   466 C  CA    . VAL A 1 62 ? -1.705  -2.051  -5.033  1.00 21.15 ? 62  VAL A CA    1 
ATOM   467 C  C     . VAL A 1 62 ? -1.944  -1.053  -6.167  1.00 21.16 ? 62  VAL A C     1 
ATOM   468 O  O     . VAL A 1 62 ? -1.156  -0.934  -7.084  1.00 23.63 ? 62  VAL A O     1 
ATOM   469 C  CB    . VAL A 1 62 ? -0.454  -1.659  -4.250  1.00 20.96 ? 62  VAL A CB    1 
ATOM   470 C  CG1   . VAL A 1 62 ? -0.674  -0.310  -3.563  1.00 18.75 ? 62  VAL A CG1   1 
ATOM   471 C  CG2   . VAL A 1 62 ? -0.134  -2.738  -3.236  1.00 19.28 ? 62  VAL A CG2   1 
ATOM   472 N  N     . VAL A 1 63 ? -3.061  -0.347  -6.087  1.00 21.98 ? 63  VAL A N     1 
ATOM   473 C  CA    . VAL A 1 63 ? -3.507  0.537   -7.145  1.00 24.25 ? 63  VAL A CA    1 
ATOM   474 C  C     . VAL A 1 63 ? -3.628  1.968   -6.643  1.00 25.57 ? 63  VAL A C     1 
ATOM   475 O  O     . VAL A 1 63 ? -4.519  2.265   -5.858  1.00 25.93 ? 63  VAL A O     1 
ATOM   476 C  CB    . VAL A 1 63 ? -4.876  0.090   -7.688  1.00 25.13 ? 63  VAL A CB    1 
ATOM   477 C  CG1   . VAL A 1 63 ? -5.338  1.012   -8.783  1.00 26.33 ? 63  VAL A CG1   1 
ATOM   478 C  CG2   . VAL A 1 63 ? -4.819  -1.350  -8.170  1.00 26.37 ? 63  VAL A CG2   1 
ATOM   479 N  N     . PRO A 1 64 ? -2.744  2.864   -7.105  1.00 27.04 ? 64  PRO A N     1 
ATOM   480 C  CA    . PRO A 1 64 ? -2.829  4.272   -6.693  1.00 27.38 ? 64  PRO A CA    1 
ATOM   481 C  C     . PRO A 1 64 ? -3.986  4.992   -7.369  1.00 29.02 ? 64  PRO A C     1 
ATOM   482 O  O     . PRO A 1 64 ? -4.401  4.600   -8.458  1.00 30.81 ? 64  PRO A O     1 
ATOM   483 C  CB    . PRO A 1 64 ? -1.496  4.876   -7.160  1.00 27.32 ? 64  PRO A CB    1 
ATOM   484 C  CG    . PRO A 1 64 ? -0.714  3.758   -7.761  1.00 31.28 ? 64  PRO A CG    1 
ATOM   485 C  CD    . PRO A 1 64 ? -1.680  2.653   -8.092  1.00 29.54 ? 64  PRO A CD    1 
ATOM   486 N  N     . SER A 1 65 ? -4.491  6.049   -6.746  1.00 31.41 ? 65  SER A N     1 
ATOM   487 C  CA    . SER A 1 65 ? -5.564  6.827   -7.346  1.00 32.26 ? 65  SER A CA    1 
ATOM   488 C  C     . SER A 1 65 ? -5.016  7.745   -8.437  1.00 33.15 ? 65  SER A C     1 
ATOM   489 O  O     . SER A 1 65 ? -5.792  8.280   -9.244  1.00 33.84 ? 65  SER A O     1 
ATOM   490 C  CB    . SER A 1 65 ? -6.298  7.641   -6.276  1.00 29.88 ? 65  SER A CB    1 
ATOM   491 O  OG    . SER A 1 65 ? -5.374  8.355   -5.473  1.00 29.22 ? 65  SER A OG    1 
ATOM   492 N  N     . ARG A 1 66 ? -3.687  7.911   -8.452  1.00 35.54 ? 66  ARG A N     1 
ATOM   493 C  CA    . ARG A 1 66 ? -2.977  8.796   -9.393  1.00 35.04 ? 66  ARG A CA    1 
ATOM   494 C  C     . ARG A 1 66 ? -1.714  8.094   -9.885  1.00 32.97 ? 66  ARG A C     1 
ATOM   495 O  O     . ARG A 1 66 ? -1.168  7.254   -9.174  1.00 35.63 ? 66  ARG A O     1 
ATOM   496 C  CB    . ARG A 1 66 ? -2.606  10.136  -8.723  1.00 35.34 ? 66  ARG A CB    1 
ATOM   497 C  CG    . ARG A 1 66 ? -1.187  10.176  -8.124  1.00 36.07 ? 66  ARG A CG    1 
ATOM   498 C  CD    . ARG A 1 66 ? -0.826  11.463  -7.374  1.00 37.00 ? 66  ARG A CD    1 
ATOM   499 N  NE    . ARG A 1 66 ? -1.747  11.745  -6.275  1.00 36.00 ? 66  ARG A NE    1 
ATOM   500 C  CZ    . ARG A 1 66 ? -1.380  12.246  -5.096  1.00 33.03 ? 66  ARG A CZ    1 
ATOM   501 N  NH1   . ARG A 1 66 ? -0.100  12.505  -4.843  1.00 33.97 ? 66  ARG A NH1   1 
ATOM   502 N  NH2   . ARG A 1 66 ? -2.289  12.464  -4.159  1.00 31.72 ? 66  ARG A NH2   1 
ATOM   503 N  N     . PRO A 1 67 ? -1.237  8.427   -11.095 1.00 32.17 ? 67  PRO A N     1 
ATOM   504 C  CA    . PRO A 1 67 ? 0.027   7.832   -11.528 1.00 32.11 ? 67  PRO A CA    1 
ATOM   505 C  C     . PRO A 1 67 ? 1.146   8.272   -10.618 1.00 31.23 ? 67  PRO A C     1 
ATOM   506 O  O     . PRO A 1 67 ? 1.116   9.379   -10.098 1.00 34.02 ? 67  PRO A O     1 
ATOM   507 C  CB    . PRO A 1 67 ? 0.235   8.392   -12.940 1.00 32.24 ? 67  PRO A CB    1 
ATOM   508 C  CG    . PRO A 1 67 ? -1.085  8.895   -13.370 1.00 31.16 ? 67  PRO A CG    1 
ATOM   509 C  CD    . PRO A 1 67 ? -1.799  9.323   -12.116 1.00 33.84 ? 67  PRO A CD    1 
ATOM   510 N  N     . VAL A 1 68 ? 2.122   7.412   -10.416 1.00 30.90 ? 68  VAL A N     1 
ATOM   511 C  CA    . VAL A 1 68 ? 3.242   7.782   -9.597  1.00 31.31 ? 68  VAL A CA    1 
ATOM   512 C  C     . VAL A 1 68 ? 4.496   7.336   -10.300 1.00 34.96 ? 68  VAL A C     1 
ATOM   513 O  O     . VAL A 1 68 ? 4.483   6.362   -11.047 1.00 36.82 ? 68  VAL A O     1 
ATOM   514 C  CB    . VAL A 1 68 ? 3.158   7.165   -8.203  1.00 35.14 ? 68  VAL A CB    1 
ATOM   515 C  CG1   . VAL A 1 68 ? 2.048   7.827   -7.405  1.00 35.11 ? 68  VAL A CG1   1 
ATOM   516 C  CG2   . VAL A 1 68 ? 2.931   5.669   -8.300  1.00 33.53 ? 68  VAL A CG2   1 
ATOM   517 N  N     . ARG A 1 69 ? 5.579   8.061   -10.061 1.00 37.01 ? 69  ARG A N     1 
ATOM   518 C  CA    . ARG A 1 69 ? 6.816   7.830   -10.783 1.00 40.62 ? 69  ARG A CA    1 
ATOM   519 C  C     . ARG A 1 69 ? 7.989   7.606   -9.843  1.00 39.19 ? 69  ARG A C     1 
ATOM   520 O  O     . ARG A 1 69 ? 8.127   8.287   -8.831  1.00 34.88 ? 69  ARG A O     1 
ATOM   521 C  CB    . ARG A 1 69 ? 7.107   9.009   -11.717 1.00 41.85 ? 69  ARG A CB    1 
ATOM   522 C  CG    . ARG A 1 69 ? 8.586   9.330   -11.812 1.00 44.74 ? 69  ARG A CG    1 
ATOM   523 C  CD    . ARG A 1 69 ? 8.897   10.592  -12.592 1.00 40.83 ? 69  ARG A CD    1 
ATOM   524 N  NE    . ARG A 1 69 ? 10.301  10.590  -12.985 1.00 43.16 ? 69  ARG A NE    1 
ATOM   525 C  CZ    . ARG A 1 69 ? 10.751  10.010  -14.096 1.00 55.06 ? 69  ARG A CZ    1 
ATOM   526 N  NH1   . ARG A 1 69 ? 9.903   9.392   -14.924 1.00 51.39 ? 69  ARG A NH1   1 
ATOM   527 N  NH2   . ARG A 1 69 ? 12.050  10.040  -14.384 1.00 62.81 ? 69  ARG A NH2   1 
ATOM   528 N  N     . LEU A 1 70 ? 8.849   6.665   -10.205 1.00 39.56 ? 70  LEU A N     1 
ATOM   529 C  CA    . LEU A 1 70 ? 9.915   6.259   -9.315  1.00 36.23 ? 70  LEU A CA    1 
ATOM   530 C  C     . LEU A 1 70 ? 11.206  7.021   -9.590  1.00 35.58 ? 70  LEU A C     1 
ATOM   531 O  O     . LEU A 1 70 ? 11.938  7.358   -8.663  1.00 36.99 ? 70  LEU A O     1 
ATOM   532 C  CB    . LEU A 1 70 ? 10.151  4.746   -9.428  1.00 39.03 ? 70  LEU A CB    1 
ATOM   533 C  CG    . LEU A 1 70 ? 9.044   3.788   -8.957  1.00 37.40 ? 70  LEU A CG    1 
ATOM   534 C  CD1   . LEU A 1 70 ? 7.872   3.713   -9.925  1.00 38.45 ? 70  LEU A CD1   1 
ATOM   535 C  CD2   . LEU A 1 70 ? 9.604   2.407   -8.689  1.00 33.20 ? 70  LEU A CD2   1 
HETATM 536 S  S     . SO4 B 2 .  ? 7.628   -6.869  9.613   1.00 22.63 ? 101 SO4 A S     1 
HETATM 537 O  O1    . SO4 B 2 .  ? 7.644   -8.075  10.413  1.00 27.26 ? 101 SO4 A O1    1 
HETATM 538 O  O2    . SO4 B 2 .  ? 8.951   -6.682  9.043   1.00 23.96 ? 101 SO4 A O2    1 
HETATM 539 O  O3    . SO4 B 2 .  ? 6.637   -6.965  8.564   1.00 24.21 ? 101 SO4 A O3    1 
HETATM 540 O  O4    . SO4 B 2 .  ? 7.261   -5.750  10.473  1.00 28.28 ? 101 SO4 A O4    1 
HETATM 541 MG MG    . MG  C 3 .  ? -8.545  -19.121 -1.800  0.16 34.96 ? 102 MG  A MG    1 
HETATM 542 N  N1    . U5P D 4 .  ? 7.757   -10.541 1.291   1.00 27.35 ? 103 U5P A N1    1 
HETATM 543 C  C2    . U5P D 4 .  ? 8.406   -9.383  0.927   1.00 24.56 ? 103 U5P A C2    1 
HETATM 544 N  N3    . U5P D 4 .  ? 9.721   -9.312  1.309   1.00 27.65 ? 103 U5P A N3    1 
HETATM 545 C  C4    . U5P D 4 .  ? 10.435  -10.265 2.003   1.00 26.49 ? 103 U5P A C4    1 
HETATM 546 C  C5    . U5P D 4 .  ? 9.680   -11.434 2.348   1.00 25.71 ? 103 U5P A C5    1 
HETATM 547 C  C6    . U5P D 4 .  ? 8.396   -11.536 1.992   1.00 24.76 ? 103 U5P A C6    1 
HETATM 548 O  O2    . U5P D 4 .  ? 7.863   -8.483  0.313   1.00 24.93 ? 103 U5P A O2    1 
HETATM 549 O  O4    . U5P D 4 .  ? 11.618  -10.044 2.273   1.00 26.88 ? 103 U5P A O4    1 
HETATM 550 C  "C1'" . U5P D 4 .  ? 6.332   -10.641 0.900   1.00 28.07 ? 103 U5P A "C1'" 1 
HETATM 551 C  "C2'" . U5P D 4 .  ? 6.109   -11.495 -0.352  1.00 28.44 ? 103 U5P A "C2'" 1 
HETATM 552 O  "O2'" . U5P D 4 .  ? 5.120   -10.872 -1.157  1.00 27.98 ? 103 U5P A "O2'" 1 
HETATM 553 C  "C3'" . U5P D 4 .  ? 5.558   -12.786 0.237   1.00 33.67 ? 103 U5P A "C3'" 1 
HETATM 554 C  "C4'" . U5P D 4 .  ? 4.784   -12.292 1.451   1.00 30.72 ? 103 U5P A "C4'" 1 
HETATM 555 O  "O3'" . U5P D 4 .  ? 4.744   -13.488 -0.686  1.00 29.59 ? 103 U5P A "O3'" 1 
HETATM 556 O  "O4'" . U5P D 4 .  ? 5.599   -11.217 1.960   1.00 29.29 ? 103 U5P A "O4'" 1 
HETATM 557 C  "C5'" . U5P D 4 .  ? 4.479   -13.280 2.554   1.00 32.11 ? 103 U5P A "C5'" 1 
HETATM 558 O  "O5'" . U5P D 4 .  ? 5.530   -14.204 2.777   1.00 36.74 ? 103 U5P A "O5'" 1 
HETATM 559 P  P     . U5P D 4 .  ? 5.191   -15.708 3.160   1.00 43.60 ? 103 U5P A P     1 
HETATM 560 O  O1P   . U5P D 4 .  ? 3.768   -15.930 2.778   1.00 38.30 ? 103 U5P A O1P   1 
HETATM 561 O  O2P   . U5P D 4 .  ? 6.247   -16.613 2.626   1.00 51.60 ? 103 U5P A O2P   1 
HETATM 562 O  O     . HOH E 5 .  ? -0.400  6.504   0.302   1.00 23.80 ? 201 HOH A O     1 
HETATM 563 O  O     . HOH E 5 .  ? 5.169   10.056  -8.508  1.00 33.42 ? 202 HOH A O     1 
HETATM 564 O  O     . HOH E 5 .  ? 2.818   -11.023 4.424   1.00 19.06 ? 203 HOH A O     1 
HETATM 565 O  O     . HOH E 5 .  ? -2.943  13.193  0.445   1.00 34.30 ? 204 HOH A O     1 
HETATM 566 O  O     . HOH E 5 .  ? 1.640   8.774   3.734   1.00 28.78 ? 205 HOH A O     1 
HETATM 567 O  O     . HOH E 5 .  ? -7.107  2.131   7.568   1.00 34.97 ? 206 HOH A O     1 
HETATM 568 O  O     . HOH E 5 .  ? -7.064  3.542   -6.382  1.00 29.85 ? 207 HOH A O     1 
HETATM 569 O  O     . HOH E 5 .  ? 10.945  -8.804  9.237   1.00 28.11 ? 208 HOH A O     1 
HETATM 570 O  O     . HOH E 5 .  ? -12.070 1.596   -7.221  1.00 35.14 ? 209 HOH A O     1 
HETATM 571 O  O     . HOH E 5 .  ? 13.370  -4.084  1.712   1.00 36.46 ? 210 HOH A O     1 
HETATM 572 O  O     . HOH E 5 .  ? 19.663  -2.212  -13.448 1.00 49.86 ? 211 HOH A O     1 
HETATM 573 O  O     . HOH E 5 .  ? -12.890 6.097   6.927   1.00 49.64 ? 212 HOH A O     1 
HETATM 574 O  O     . HOH E 5 .  ? -1.528  -19.175 -0.172  0.16 15.61 ? 213 HOH A O     1 
HETATM 575 O  O     . HOH E 5 .  ? 15.216  -7.344  -6.094  1.00 32.34 ? 214 HOH A O     1 
HETATM 576 O  O     . HOH E 5 .  ? 0.746   -19.192 0.356   0.16 24.59 ? 215 HOH A O     1 
HETATM 577 O  O     . HOH E 5 .  ? 2.518   16.447  -0.978  1.00 47.41 ? 216 HOH A O     1 
HETATM 578 O  O     . HOH E 5 .  ? 12.069  7.734   3.735   1.00 36.55 ? 217 HOH A O     1 
HETATM 579 O  O     . HOH E 5 .  ? 15.043  10.161  -11.225 1.00 55.10 ? 218 HOH A O     1 
HETATM 580 O  O     . HOH E 5 .  ? -3.526  13.972  3.534   1.00 34.13 ? 219 HOH A O     1 
HETATM 581 O  O     . HOH E 5 .  ? -14.716 -4.603  -0.705  1.00 26.05 ? 220 HOH A O     1 
HETATM 582 O  O     . HOH E 5 .  ? 3.922   7.991   6.775   1.00 28.93 ? 221 HOH A O     1 
HETATM 583 O  O     . HOH E 5 .  ? -0.356  -15.668 -0.540  1.00 23.05 ? 222 HOH A O     1 
HETATM 584 O  O     . HOH E 5 .  ? -13.494 3.792   -4.132  1.00 39.18 ? 223 HOH A O     1 
HETATM 585 O  O     . HOH E 5 .  ? 12.634  -11.819 8.029   1.00 29.83 ? 224 HOH A O     1 
HETATM 586 O  O     . HOH E 5 .  ? 3.827   11.352  4.648   1.00 34.24 ? 225 HOH A O     1 
# 
